data_5KKH
#
_entry.id   5KKH
#
_cell.length_a   106.110
_cell.length_b   61.270
_cell.length_c   119.030
_cell.angle_alpha   90.00
_cell.angle_beta   116.26
_cell.angle_gamma   90.00
#
_symmetry.space_group_name_H-M   'C 1 2 1'
#
loop_
_entity.id
_entity.type
_entity.pdbx_description
1 polymer Bacteriorhodopsin-I
2 non-polymer '(2R)-2,3-dihydroxypropyl (9Z)-octadec-9-enoate'
3 non-polymer '(2S)-2,3-dihydroxypropyl (9Z)-octadec-9-enoate'
4 non-polymer RETINAL
5 water water
#
_entity_poly.entity_id   1
_entity_poly.type   'polypeptide(L)'
_entity_poly.pdbx_seq_one_letter_code
;MSQLALQMSSLGVEGEGIWLALGTIGMLLGMLYFIADGLDVQDPRQKEFYVITILIPAIAAASYLSMFFGFGLTEVSLAN
GRVVDVYWARYADWLFTTPLLLLDIGLLAGASQRDIGALVGIDAFMIVTGLVATLTKVVVARYAFWTISTISMVFLLYYL
VAVFGEAVSDADEDTRSTFNALRNIILVTWAIYPVAWLVGTEGLALTGLYGETLLFMVLDLVAKVGFGFILLRSRAIMGG
GSEPTPSAQETAADLVPRGSLEHHHHHH
;
_entity_poly.pdbx_strand_id   A,B,C
#
loop_
_chem_comp.id
_chem_comp.type
_chem_comp.name
_chem_comp.formula
OLB non-polymer '(2S)-2,3-dihydroxypropyl (9Z)-octadec-9-enoate' 'C21 H40 O4'
OLC non-polymer '(2R)-2,3-dihydroxypropyl (9Z)-octadec-9-enoate' 'C21 H40 O4'
RET non-polymer RETINAL 'C20 H28 O'
#
# COMPACT_ATOMS: atom_id res chain seq x y z
N LEU A 11 19.30 -9.87 -22.67
CA LEU A 11 19.64 -11.20 -22.13
C LEU A 11 18.45 -11.78 -21.36
N GLY A 12 18.59 -12.00 -20.05
CA GLY A 12 17.57 -12.66 -19.26
C GLY A 12 17.71 -14.16 -19.27
N VAL A 13 16.61 -14.88 -19.08
CA VAL A 13 16.64 -16.34 -19.07
C VAL A 13 16.64 -16.89 -20.49
N GLU A 14 15.82 -16.31 -21.37
CA GLU A 14 15.62 -16.78 -22.73
C GLU A 14 15.82 -15.69 -23.75
N GLY A 15 16.73 -14.74 -23.51
CA GLY A 15 16.86 -13.64 -24.43
C GLY A 15 15.73 -12.63 -24.37
N GLU A 16 14.78 -12.80 -23.45
CA GLU A 16 13.68 -11.85 -23.32
C GLU A 16 14.15 -10.50 -22.82
N GLY A 17 15.43 -10.40 -22.41
CA GLY A 17 15.97 -9.14 -21.94
C GLY A 17 15.92 -8.03 -22.96
N ILE A 18 15.95 -8.37 -24.26
CA ILE A 18 15.89 -7.31 -25.27
C ILE A 18 14.60 -6.51 -25.12
N TRP A 19 13.49 -7.20 -24.84
CA TRP A 19 12.21 -6.51 -24.67
C TRP A 19 12.16 -5.75 -23.37
N LEU A 20 12.87 -6.23 -22.33
CA LEU A 20 12.93 -5.48 -21.09
C LEU A 20 13.72 -4.18 -21.28
N ALA A 21 14.80 -4.23 -22.07
CA ALA A 21 15.58 -3.05 -22.35
C ALA A 21 14.79 -2.05 -23.17
N LEU A 22 14.15 -2.52 -24.25
CA LEU A 22 13.40 -1.63 -25.12
C LEU A 22 12.20 -1.05 -24.38
N GLY A 23 11.53 -1.85 -23.55
CA GLY A 23 10.48 -1.31 -22.70
C GLY A 23 11.00 -0.23 -21.77
N THR A 24 12.09 -0.53 -21.07
CA THR A 24 12.76 0.52 -20.28
C THR A 24 12.91 1.81 -21.10
N ILE A 25 13.44 1.70 -22.34
CA ILE A 25 13.71 2.87 -23.16
C ILE A 25 12.42 3.53 -23.62
N GLY A 26 11.46 2.72 -24.08
CA GLY A 26 10.19 3.29 -24.49
C GLY A 26 9.52 4.08 -23.39
N MET A 27 9.46 3.50 -22.18
CA MET A 27 8.84 4.21 -21.06
C MET A 27 9.60 5.50 -20.76
N LEU A 28 10.93 5.44 -20.73
CA LEU A 28 11.71 6.61 -20.38
C LEU A 28 11.50 7.71 -21.41
N LEU A 29 11.50 7.36 -22.70
CA LEU A 29 11.30 8.37 -23.72
C LEU A 29 9.90 8.98 -23.61
N GLY A 30 8.90 8.15 -23.32
CA GLY A 30 7.55 8.70 -23.14
C GLY A 30 7.48 9.62 -21.94
N MET A 31 8.01 9.18 -20.81
CA MET A 31 8.09 10.04 -19.63
C MET A 31 8.79 11.36 -19.97
N LEU A 32 9.84 11.30 -20.79
CA LEU A 32 10.62 12.52 -21.05
C LEU A 32 9.87 13.44 -21.99
N TYR A 33 9.23 12.88 -23.02
CA TYR A 33 8.36 13.68 -23.88
C TYR A 33 7.32 14.42 -23.04
N PHE A 34 6.65 13.68 -22.14
CA PHE A 34 5.58 14.22 -21.33
C PHE A 34 6.07 15.37 -20.46
N ILE A 35 7.28 15.23 -19.90
CA ILE A 35 7.85 16.29 -19.09
C ILE A 35 8.13 17.53 -19.93
N ALA A 36 8.82 17.36 -21.06
CA ALA A 36 9.10 18.51 -21.93
C ALA A 36 7.82 19.15 -22.43
N ASP A 37 6.78 18.34 -22.65
CA ASP A 37 5.53 18.89 -23.14
C ASP A 37 4.79 19.66 -22.06
N GLY A 38 5.00 19.32 -20.79
CA GLY A 38 4.34 19.98 -19.69
C GLY A 38 5.09 21.13 -19.04
N LEU A 39 6.16 21.64 -19.67
CA LEU A 39 6.96 22.70 -19.06
C LEU A 39 6.17 23.99 -18.89
N ASP A 40 5.44 24.41 -19.92
CA ASP A 40 4.72 25.68 -19.92
C ASP A 40 3.26 25.51 -19.52
N VAL A 41 2.93 24.65 -18.56
CA VAL A 41 1.58 24.57 -18.03
C VAL A 41 1.62 24.95 -16.56
N GLN A 42 0.73 25.86 -16.17
CA GLN A 42 0.55 26.21 -14.76
C GLN A 42 -0.90 26.16 -14.31
N ASP A 43 -1.83 25.86 -15.22
CA ASP A 43 -3.19 25.47 -14.87
C ASP A 43 -3.16 24.29 -13.89
N PRO A 44 -3.64 24.45 -12.65
CA PRO A 44 -3.53 23.35 -11.68
C PRO A 44 -4.15 22.04 -12.13
N ARG A 45 -5.32 22.08 -12.78
CA ARG A 45 -5.96 20.83 -13.20
C ARG A 45 -5.20 20.20 -14.36
N GLN A 46 -4.75 21.02 -15.30
CA GLN A 46 -3.94 20.49 -16.40
C GLN A 46 -2.66 19.87 -15.87
N LYS A 47 -2.02 20.54 -14.90
CA LYS A 47 -0.78 20.04 -14.34
C LYS A 47 -0.97 18.67 -13.69
N GLU A 48 -2.04 18.52 -12.92
CA GLU A 48 -2.39 17.22 -12.36
C GLU A 48 -2.36 16.12 -13.43
N PHE A 49 -2.90 16.39 -14.62
CA PHE A 49 -2.85 15.36 -15.66
C PHE A 49 -1.42 15.04 -16.04
N TYR A 50 -0.55 16.05 -16.09
CA TYR A 50 0.86 15.79 -16.36
C TYR A 50 1.54 14.98 -15.25
N VAL A 51 1.31 15.34 -13.98
CA VAL A 51 1.98 14.63 -12.89
C VAL A 51 1.68 13.14 -12.98
N ILE A 52 0.39 12.81 -12.93
CA ILE A 52 -0.08 11.43 -13.05
C ILE A 52 0.54 10.77 -14.27
N THR A 53 0.41 11.40 -15.42
CA THR A 53 0.81 10.75 -16.66
C THR A 53 2.32 10.67 -16.81
N ILE A 54 3.07 11.47 -16.06
CA ILE A 54 4.53 11.29 -16.07
C ILE A 54 4.93 10.16 -15.12
N LEU A 55 4.30 10.11 -13.95
CA LEU A 55 4.64 9.12 -12.94
C LEU A 55 4.43 7.69 -13.45
N ILE A 56 3.37 7.48 -14.23
CA ILE A 56 3.04 6.15 -14.73
C ILE A 56 4.22 5.55 -15.51
N PRO A 57 4.71 6.17 -16.59
CA PRO A 57 5.84 5.56 -17.29
C PRO A 57 7.12 5.64 -16.48
N ALA A 58 7.22 6.55 -15.49
CA ALA A 58 8.34 6.51 -14.56
C ALA A 58 8.34 5.20 -13.79
N ILE A 59 7.21 4.87 -13.16
CA ILE A 59 7.10 3.60 -12.46
C ILE A 59 7.46 2.45 -13.39
N ALA A 60 6.87 2.43 -14.58
CA ALA A 60 7.09 1.30 -15.49
C ALA A 60 8.54 1.24 -15.95
N ALA A 61 9.14 2.38 -16.25
CA ALA A 61 10.54 2.37 -16.64
C ALA A 61 11.38 1.74 -15.54
N ALA A 62 11.16 2.17 -14.30
CA ALA A 62 11.87 1.63 -13.15
C ALA A 62 11.68 0.12 -13.03
N SER A 63 10.43 -0.36 -13.12
CA SER A 63 10.21 -1.80 -13.00
C SER A 63 10.79 -2.57 -14.17
N TYR A 64 10.66 -2.02 -15.38
CA TYR A 64 11.29 -2.64 -16.54
C TYR A 64 12.80 -2.73 -16.36
N LEU A 65 13.43 -1.67 -15.84
CA LEU A 65 14.87 -1.74 -15.62
C LEU A 65 15.22 -2.79 -14.57
N SER A 66 14.48 -2.84 -13.45
CA SER A 66 14.75 -3.85 -12.43
C SER A 66 14.57 -5.26 -13.00
N MET A 67 13.60 -5.45 -13.89
CA MET A 67 13.44 -6.73 -14.57
C MET A 67 14.58 -6.98 -15.54
N PHE A 68 15.08 -5.93 -16.19
CA PHE A 68 16.26 -6.10 -17.04
C PHE A 68 17.44 -6.62 -16.24
N PHE A 69 17.64 -6.09 -15.04
CA PHE A 69 18.77 -6.47 -14.23
C PHE A 69 18.56 -7.79 -13.50
N GLY A 70 17.38 -8.40 -13.61
CA GLY A 70 17.07 -9.62 -12.93
C GLY A 70 16.48 -9.45 -11.55
N PHE A 71 16.10 -8.24 -11.15
CA PHE A 71 15.53 -8.10 -9.80
C PHE A 71 14.10 -8.62 -9.68
N GLY A 72 13.23 -8.33 -10.65
CA GLY A 72 11.88 -8.82 -10.47
C GLY A 72 11.61 -10.26 -10.85
N LEU A 73 12.64 -11.10 -10.90
CA LEU A 73 12.56 -12.43 -11.51
C LEU A 73 12.71 -13.51 -10.46
N THR A 74 11.74 -14.41 -10.41
CA THR A 74 11.80 -15.53 -9.48
C THR A 74 11.34 -16.76 -10.24
N GLU A 75 11.82 -17.92 -9.83
CA GLU A 75 11.37 -19.19 -10.38
CA GLU A 75 11.32 -19.15 -10.41
C GLU A 75 10.34 -19.79 -9.45
N VAL A 76 9.26 -20.32 -10.00
CA VAL A 76 8.25 -21.01 -9.21
C VAL A 76 8.14 -22.43 -9.75
N SER A 77 8.36 -23.39 -8.87
CA SER A 77 8.20 -24.79 -9.21
C SER A 77 6.75 -25.19 -8.94
N LEU A 78 6.03 -25.58 -9.97
CA LEU A 78 4.63 -25.91 -9.76
C LEU A 78 4.50 -27.37 -9.32
N ALA A 79 3.40 -27.66 -8.61
CA ALA A 79 3.11 -29.06 -8.29
C ALA A 79 3.18 -29.92 -9.52
N ASN A 80 2.96 -29.33 -10.70
CA ASN A 80 3.15 -29.93 -12.01
C ASN A 80 4.56 -30.48 -12.23
N GLY A 81 5.56 -30.01 -11.48
CA GLY A 81 6.93 -30.17 -11.87
C GLY A 81 7.46 -29.06 -12.78
N ARG A 82 6.58 -28.38 -13.53
CA ARG A 82 7.02 -27.28 -14.37
CA ARG A 82 7.03 -27.29 -14.37
C ARG A 82 7.67 -26.18 -13.54
N VAL A 83 8.70 -25.56 -14.10
CA VAL A 83 9.35 -24.40 -13.49
C VAL A 83 8.97 -23.18 -14.34
N VAL A 84 8.29 -22.23 -13.72
CA VAL A 84 7.85 -21.03 -14.41
C VAL A 84 8.77 -19.88 -14.04
N ASP A 85 9.32 -19.22 -15.05
CA ASP A 85 10.14 -18.04 -14.81
C ASP A 85 9.20 -16.85 -14.68
N VAL A 86 9.03 -16.37 -13.45
CA VAL A 86 8.05 -15.35 -13.14
C VAL A 86 8.78 -14.03 -12.98
N TYR A 87 8.39 -13.04 -13.79
CA TYR A 87 8.81 -11.65 -13.58
C TYR A 87 7.75 -10.99 -12.70
N TRP A 88 7.89 -11.17 -11.38
CA TRP A 88 6.82 -10.66 -10.52
C TRP A 88 6.83 -9.14 -10.44
N ALA A 89 7.97 -8.49 -10.71
CA ALA A 89 8.03 -7.03 -10.58
C ALA A 89 6.95 -6.34 -11.41
N ARG A 90 6.49 -6.99 -12.48
CA ARG A 90 5.35 -6.48 -13.24
C ARG A 90 4.21 -6.05 -12.34
N TYR A 91 3.83 -6.93 -11.41
CA TYR A 91 2.64 -6.70 -10.59
C TYR A 91 2.85 -5.52 -9.64
N ALA A 92 4.05 -5.39 -9.09
CA ALA A 92 4.42 -4.16 -8.38
C ALA A 92 4.14 -2.92 -9.23
N ASP A 93 4.57 -2.95 -10.50
CA ASP A 93 4.29 -1.86 -11.45
C ASP A 93 2.79 -1.66 -11.63
N TRP A 94 2.05 -2.74 -11.90
CA TRP A 94 0.65 -2.60 -12.25
C TRP A 94 -0.20 -2.19 -11.05
N LEU A 95 0.18 -2.66 -9.85
CA LEU A 95 -0.55 -2.29 -8.63
C LEU A 95 -0.73 -0.78 -8.49
N PHE A 96 0.26 0.02 -8.92
CA PHE A 96 0.19 1.47 -8.83
C PHE A 96 -0.23 2.14 -10.14
N THR A 97 0.25 1.66 -11.29
CA THR A 97 -0.02 2.39 -12.53
C THR A 97 -1.42 2.16 -13.06
N THR A 98 -2.03 0.99 -12.79
CA THR A 98 -3.38 0.84 -13.32
C THR A 98 -4.35 1.71 -12.51
N PRO A 99 -4.21 1.85 -11.17
CA PRO A 99 -5.01 2.88 -10.48
C PRO A 99 -4.68 4.30 -10.92
N LEU A 100 -3.41 4.62 -11.17
CA LEU A 100 -3.07 5.93 -11.71
C LEU A 100 -3.71 6.14 -13.07
N LEU A 101 -3.70 5.10 -13.91
CA LEU A 101 -4.40 5.22 -15.19
C LEU A 101 -5.89 5.45 -14.98
N LEU A 102 -6.50 4.71 -14.04
CA LEU A 102 -7.93 4.89 -13.80
C LEU A 102 -8.23 6.27 -13.25
N LEU A 103 -7.37 6.77 -12.38
CA LEU A 103 -7.49 8.13 -11.89
C LEU A 103 -7.39 9.13 -13.04
N ASP A 104 -6.40 8.92 -13.92
CA ASP A 104 -6.21 9.81 -15.07
C ASP A 104 -7.50 9.93 -15.87
N ILE A 105 -8.10 8.80 -16.24
CA ILE A 105 -9.29 8.86 -17.07
C ILE A 105 -10.50 9.24 -16.24
N GLY A 106 -10.52 8.89 -14.95
CA GLY A 106 -11.60 9.36 -14.09
C GLY A 106 -11.63 10.87 -13.97
N LEU A 107 -10.45 11.50 -13.82
CA LEU A 107 -10.39 12.95 -13.74
C LEU A 107 -10.85 13.61 -15.03
N LEU A 108 -10.46 13.05 -16.19
CA LEU A 108 -10.95 13.55 -17.47
C LEU A 108 -12.46 13.45 -17.56
N ALA A 109 -13.02 12.29 -17.21
CA ALA A 109 -14.45 12.10 -17.31
C ALA A 109 -15.22 12.93 -16.27
N GLY A 110 -14.54 13.52 -15.31
CA GLY A 110 -15.24 14.20 -14.23
C GLY A 110 -16.05 13.28 -13.35
N ALA A 111 -15.60 12.05 -13.16
CA ALA A 111 -16.31 11.14 -12.29
C ALA A 111 -16.10 11.51 -10.82
N SER A 112 -17.00 11.04 -9.98
CA SER A 112 -16.95 11.36 -8.56
C SER A 112 -15.81 10.61 -7.88
N GLN A 113 -15.54 11.00 -6.64
CA GLN A 113 -14.49 10.30 -5.92
C GLN A 113 -14.95 8.94 -5.46
N ARG A 114 -16.23 8.79 -5.16
CA ARG A 114 -16.84 7.48 -4.94
C ARG A 114 -16.53 6.55 -6.10
N ASP A 115 -16.88 6.98 -7.31
CA ASP A 115 -16.78 6.12 -8.47
C ASP A 115 -15.32 5.79 -8.80
N ILE A 116 -14.42 6.76 -8.67
CA ILE A 116 -13.03 6.49 -8.98
C ILE A 116 -12.45 5.50 -7.98
N GLY A 117 -12.73 5.73 -6.69
CA GLY A 117 -12.27 4.79 -5.67
C GLY A 117 -12.87 3.40 -5.83
N ALA A 118 -14.12 3.33 -6.27
CA ALA A 118 -14.73 2.04 -6.51
C ALA A 118 -13.97 1.24 -7.56
N LEU A 119 -13.58 1.90 -8.66
CA LEU A 119 -12.88 1.20 -9.73
C LEU A 119 -11.44 0.88 -9.37
N VAL A 120 -10.78 1.76 -8.61
CA VAL A 120 -9.45 1.45 -8.11
C VAL A 120 -9.48 0.25 -7.15
N GLY A 121 -10.50 0.20 -6.28
CA GLY A 121 -10.66 -0.97 -5.44
C GLY A 121 -10.88 -2.24 -6.25
N ILE A 122 -11.69 -2.14 -7.30
CA ILE A 122 -11.88 -3.27 -8.21
C ILE A 122 -10.57 -3.62 -8.89
N ASP A 123 -9.87 -2.58 -9.39
CA ASP A 123 -8.63 -2.79 -10.11
C ASP A 123 -7.55 -3.42 -9.24
N ALA A 124 -7.42 -2.96 -8.00
CA ALA A 124 -6.44 -3.56 -7.09
C ALA A 124 -6.73 -5.05 -6.90
N PHE A 125 -7.99 -5.39 -6.67
CA PHE A 125 -8.38 -6.79 -6.52
C PHE A 125 -8.00 -7.58 -7.76
N MET A 126 -8.18 -7.00 -8.95
CA MET A 126 -7.74 -7.66 -10.18
C MET A 126 -6.24 -7.95 -10.16
N ILE A 127 -5.42 -6.95 -9.85
CA ILE A 127 -3.96 -7.16 -9.93
C ILE A 127 -3.47 -8.16 -8.89
N VAL A 128 -3.95 -8.06 -7.65
CA VAL A 128 -3.50 -8.92 -6.56
C VAL A 128 -3.94 -10.38 -6.77
N THR A 129 -5.18 -10.60 -7.23
CA THR A 129 -5.55 -11.97 -7.57
C THR A 129 -4.77 -12.47 -8.79
N GLY A 130 -4.39 -11.57 -9.70
CA GLY A 130 -3.48 -11.98 -10.76
C GLY A 130 -2.12 -12.39 -10.24
N LEU A 131 -1.60 -11.65 -9.24
CA LEU A 131 -0.33 -12.04 -8.62
C LEU A 131 -0.44 -13.41 -7.95
N VAL A 132 -1.51 -13.67 -7.20
CA VAL A 132 -1.65 -15.00 -6.60
C VAL A 132 -1.72 -16.06 -7.70
N ALA A 133 -2.48 -15.81 -8.77
CA ALA A 133 -2.50 -16.73 -9.90
C ALA A 133 -1.09 -17.03 -10.39
N THR A 134 -0.24 -16.00 -10.42
CA THR A 134 1.10 -16.10 -10.99
C THR A 134 2.07 -16.81 -10.06
N LEU A 135 1.91 -16.67 -8.75
CA LEU A 135 2.84 -17.25 -7.80
C LEU A 135 2.43 -18.60 -7.23
N THR A 136 1.15 -18.95 -7.22
CA THR A 136 0.76 -20.17 -6.52
C THR A 136 1.24 -21.41 -7.28
N LYS A 137 1.61 -22.45 -6.52
CA LYS A 137 2.15 -23.67 -7.12
C LYS A 137 1.07 -24.67 -7.53
N VAL A 138 -0.17 -24.49 -7.07
CA VAL A 138 -1.24 -25.45 -7.32
C VAL A 138 -1.86 -25.09 -8.65
N VAL A 139 -1.80 -26.01 -9.60
CA VAL A 139 -2.22 -25.68 -10.97
C VAL A 139 -3.65 -25.17 -10.98
N VAL A 140 -4.57 -25.92 -10.36
CA VAL A 140 -5.97 -25.50 -10.32
C VAL A 140 -6.11 -24.10 -9.70
N ALA A 141 -5.28 -23.78 -8.70
CA ALA A 141 -5.39 -22.47 -8.11
C ALA A 141 -4.92 -21.38 -9.08
N ARG A 142 -3.84 -21.66 -9.82
CA ARG A 142 -3.38 -20.69 -10.81
C ARG A 142 -4.52 -20.32 -11.74
N TYR A 143 -5.21 -21.33 -12.30
CA TYR A 143 -6.32 -21.05 -13.19
C TYR A 143 -7.54 -20.54 -12.42
N ALA A 144 -7.72 -21.01 -11.18
CA ALA A 144 -8.81 -20.48 -10.37
C ALA A 144 -8.65 -18.98 -10.17
N PHE A 145 -7.43 -18.54 -9.84
CA PHE A 145 -7.28 -17.12 -9.59
C PHE A 145 -7.19 -16.29 -10.86
N TRP A 146 -6.62 -16.84 -11.95
CA TRP A 146 -6.70 -16.14 -13.23
C TRP A 146 -8.15 -15.90 -13.60
N THR A 147 -9.01 -16.90 -13.39
CA THR A 147 -10.44 -16.73 -13.62
C THR A 147 -11.04 -15.66 -12.71
N ILE A 148 -10.75 -15.75 -11.41
CA ILE A 148 -11.16 -14.69 -10.47
C ILE A 148 -10.74 -13.32 -10.99
N SER A 149 -9.47 -13.19 -11.38
CA SER A 149 -8.96 -11.90 -11.83
C SER A 149 -9.66 -11.41 -13.09
N THR A 150 -9.82 -12.32 -14.07
CA THR A 150 -10.46 -11.96 -15.33
C THR A 150 -11.91 -11.55 -15.11
N ILE A 151 -12.58 -12.19 -14.16
CA ILE A 151 -13.94 -11.75 -13.82
C ILE A 151 -13.93 -10.31 -13.33
N SER A 152 -12.97 -9.97 -12.47
CA SER A 152 -12.90 -8.59 -11.98
CA SER A 152 -12.87 -8.60 -11.97
C SER A 152 -12.56 -7.61 -13.11
N MET A 153 -11.70 -8.01 -14.04
CA MET A 153 -11.38 -7.13 -15.16
C MET A 153 -12.62 -6.85 -15.99
N VAL A 154 -13.36 -7.91 -16.32
CA VAL A 154 -14.58 -7.74 -17.10
C VAL A 154 -15.51 -6.71 -16.45
N PHE A 155 -15.70 -6.82 -15.14
CA PHE A 155 -16.63 -5.83 -14.63
C PHE A 155 -15.96 -4.48 -14.34
N LEU A 156 -14.65 -4.44 -14.07
CA LEU A 156 -13.96 -3.15 -14.06
C LEU A 156 -14.20 -2.42 -15.37
N LEU A 157 -14.04 -3.14 -16.48
CA LEU A 157 -14.22 -2.54 -17.80
C LEU A 157 -15.66 -2.14 -18.00
N TYR A 158 -16.59 -2.95 -17.48
CA TYR A 158 -17.99 -2.57 -17.60
C TYR A 158 -18.26 -1.27 -16.85
N TYR A 159 -17.82 -1.17 -15.58
CA TYR A 159 -18.06 0.05 -14.81
C TYR A 159 -17.33 1.24 -15.41
N LEU A 160 -16.12 1.02 -15.93
CA LEU A 160 -15.43 2.09 -16.65
C LEU A 160 -16.30 2.67 -17.76
N VAL A 161 -16.91 1.81 -18.58
CA VAL A 161 -17.78 2.27 -19.66
C VAL A 161 -19.05 2.87 -19.09
N ALA A 162 -19.73 2.12 -18.23
CA ALA A 162 -21.03 2.56 -17.75
C ALA A 162 -20.91 3.77 -16.84
N VAL A 163 -19.98 3.74 -15.88
CA VAL A 163 -19.98 4.77 -14.84
C VAL A 163 -19.21 6.01 -15.30
N PHE A 164 -17.92 5.87 -15.65
CA PHE A 164 -17.20 7.03 -16.16
C PHE A 164 -17.84 7.56 -17.44
N GLY A 165 -18.34 6.66 -18.29
CA GLY A 165 -19.09 7.08 -19.46
C GLY A 165 -20.23 8.03 -19.14
N GLU A 166 -20.97 7.76 -18.06
CA GLU A 166 -22.08 8.64 -17.70
C GLU A 166 -21.58 9.88 -16.96
N ALA A 167 -20.45 9.79 -16.27
CA ALA A 167 -19.89 10.99 -15.66
C ALA A 167 -19.54 12.03 -16.73
N VAL A 168 -18.98 11.59 -17.86
CA VAL A 168 -18.53 12.52 -18.89
C VAL A 168 -19.65 12.93 -19.84
N SER A 169 -20.82 12.29 -19.74
CA SER A 169 -21.89 12.52 -20.71
C SER A 169 -22.34 13.97 -20.75
N ASP A 170 -22.11 14.73 -19.68
CA ASP A 170 -22.42 16.15 -19.64
C ASP A 170 -21.20 17.04 -19.81
N ALA A 171 -20.06 16.49 -20.21
CA ALA A 171 -18.89 17.31 -20.51
C ALA A 171 -18.97 17.80 -21.95
N ASP A 172 -18.09 18.75 -22.30
CA ASP A 172 -18.09 19.26 -23.66
C ASP A 172 -17.69 18.17 -24.65
N GLU A 173 -17.82 18.48 -25.94
CA GLU A 173 -17.64 17.45 -26.93
C GLU A 173 -16.18 17.05 -27.08
N ASP A 174 -15.24 17.96 -26.82
CA ASP A 174 -13.83 17.58 -26.88
C ASP A 174 -13.48 16.59 -25.78
N THR A 175 -14.02 16.79 -24.59
CA THR A 175 -13.74 15.92 -23.45
C THR A 175 -14.33 14.54 -23.66
N ARG A 176 -15.58 14.47 -24.12
CA ARG A 176 -16.20 13.18 -24.37
C ARG A 176 -15.44 12.38 -25.42
N SER A 177 -14.97 13.05 -26.48
CA SER A 177 -14.22 12.37 -27.55
C SER A 177 -12.85 11.89 -27.06
N THR A 178 -12.14 12.72 -26.30
CA THR A 178 -10.92 12.23 -25.67
C THR A 178 -11.23 11.08 -24.72
N PHE A 179 -12.32 11.17 -23.97
CA PHE A 179 -12.67 10.05 -23.11
C PHE A 179 -12.97 8.80 -23.92
N ASN A 180 -13.63 8.95 -25.06
CA ASN A 180 -13.96 7.77 -25.84
C ASN A 180 -12.72 7.11 -26.38
N ALA A 181 -11.73 7.89 -26.81
CA ALA A 181 -10.48 7.32 -27.31
C ALA A 181 -9.72 6.61 -26.20
N LEU A 182 -9.57 7.28 -25.05
CA LEU A 182 -8.88 6.69 -23.90
C LEU A 182 -9.57 5.41 -23.42
N ARG A 183 -10.90 5.46 -23.31
CA ARG A 183 -11.64 4.28 -22.89
C ARG A 183 -11.39 3.13 -23.86
N ASN A 184 -11.33 3.44 -25.15
CA ASN A 184 -11.15 2.41 -26.16
C ASN A 184 -9.76 1.82 -26.07
N ILE A 185 -8.74 2.65 -25.86
CA ILE A 185 -7.42 2.09 -25.62
C ILE A 185 -7.44 1.12 -24.46
N ILE A 186 -8.13 1.49 -23.36
CA ILE A 186 -8.16 0.61 -22.19
C ILE A 186 -8.88 -0.69 -22.54
N LEU A 187 -10.05 -0.58 -23.16
CA LEU A 187 -10.84 -1.76 -23.49
C LEU A 187 -10.04 -2.77 -24.30
N VAL A 188 -9.46 -2.34 -25.43
CA VAL A 188 -8.80 -3.32 -26.28
C VAL A 188 -7.51 -3.79 -25.65
N THR A 189 -6.72 -2.86 -25.08
CA THR A 189 -5.39 -3.20 -24.61
C THR A 189 -5.44 -3.97 -23.29
N TRP A 190 -6.24 -3.51 -22.33
CA TRP A 190 -6.26 -4.24 -21.06
C TRP A 190 -6.88 -5.61 -21.22
N ALA A 191 -7.87 -5.76 -22.11
CA ALA A 191 -8.51 -7.06 -22.26
C ALA A 191 -7.54 -8.14 -22.76
N ILE A 192 -6.41 -7.75 -23.33
CA ILE A 192 -5.49 -8.74 -23.89
C ILE A 192 -4.54 -9.27 -22.84
N TYR A 193 -4.37 -8.55 -21.73
CA TYR A 193 -3.46 -9.01 -20.68
C TYR A 193 -3.81 -10.40 -20.13
N PRO A 194 -5.05 -10.68 -19.73
CA PRO A 194 -5.36 -12.06 -19.31
C PRO A 194 -5.12 -13.08 -20.40
N VAL A 195 -5.25 -12.67 -21.67
CA VAL A 195 -4.99 -13.58 -22.78
C VAL A 195 -3.50 -13.91 -22.85
N ALA A 196 -2.63 -12.90 -22.67
CA ALA A 196 -1.19 -13.12 -22.71
C ALA A 196 -0.76 -13.99 -21.56
N TRP A 197 -1.35 -13.79 -20.38
CA TRP A 197 -1.04 -14.66 -19.26
C TRP A 197 -1.42 -16.10 -19.58
N LEU A 198 -2.62 -16.30 -20.15
CA LEU A 198 -3.11 -17.63 -20.47
C LEU A 198 -2.22 -18.31 -21.51
N VAL A 199 -1.84 -17.61 -22.57
CA VAL A 199 -1.05 -18.24 -23.63
C VAL A 199 0.45 -18.24 -23.35
N GLY A 200 0.94 -17.34 -22.50
CA GLY A 200 2.33 -17.33 -22.10
C GLY A 200 2.67 -18.42 -21.09
N THR A 201 3.92 -18.38 -20.62
CA THR A 201 4.49 -19.49 -19.87
C THR A 201 3.84 -19.69 -18.50
N GLU A 202 3.09 -18.72 -18.00
CA GLU A 202 2.44 -18.90 -16.71
C GLU A 202 1.14 -19.68 -16.82
N GLY A 203 0.64 -19.88 -18.03
CA GLY A 203 -0.60 -20.60 -18.24
C GLY A 203 -0.34 -21.74 -19.17
N LEU A 204 -1.00 -21.74 -20.32
CA LEU A 204 -0.92 -22.88 -21.23
C LEU A 204 0.44 -23.04 -21.89
N ALA A 205 1.32 -22.04 -21.74
CA ALA A 205 2.67 -22.12 -22.30
C ALA A 205 2.65 -22.31 -23.83
N LEU A 206 1.69 -21.67 -24.49
CA LEU A 206 1.69 -21.66 -25.95
C LEU A 206 2.87 -20.88 -26.52
N THR A 207 3.35 -19.87 -25.80
CA THR A 207 4.57 -19.17 -26.19
C THR A 207 5.53 -19.16 -25.01
N GLY A 208 6.80 -18.97 -25.31
CA GLY A 208 7.83 -18.97 -24.29
C GLY A 208 7.90 -17.65 -23.56
N LEU A 209 8.83 -17.59 -22.62
CA LEU A 209 9.09 -16.35 -21.89
C LEU A 209 9.42 -15.20 -22.84
N TYR A 210 10.06 -15.48 -23.97
CA TYR A 210 10.40 -14.45 -24.94
C TYR A 210 9.13 -13.86 -25.59
N GLY A 211 8.27 -14.72 -26.13
CA GLY A 211 7.03 -14.23 -26.73
C GLY A 211 6.15 -13.52 -25.73
N GLU A 212 6.05 -14.06 -24.51
CA GLU A 212 5.22 -13.46 -23.48
C GLU A 212 5.75 -12.08 -23.08
N THR A 213 7.07 -11.94 -22.94
CA THR A 213 7.63 -10.66 -22.54
C THR A 213 7.48 -9.62 -23.64
N LEU A 214 7.64 -10.03 -24.89
CA LEU A 214 7.37 -9.13 -26.01
C LEU A 214 5.91 -8.63 -25.96
N LEU A 215 4.98 -9.52 -25.65
CA LEU A 215 3.58 -9.15 -25.70
C LEU A 215 3.24 -8.16 -24.60
N PHE A 216 3.73 -8.40 -23.37
CA PHE A 216 3.51 -7.44 -22.30
C PHE A 216 4.22 -6.12 -22.56
N MET A 217 5.35 -6.15 -23.27
CA MET A 217 6.02 -4.91 -23.62
C MET A 217 5.16 -4.08 -24.57
N VAL A 218 4.62 -4.72 -25.61
CA VAL A 218 3.76 -4.00 -26.55
C VAL A 218 2.53 -3.45 -25.81
N LEU A 219 1.93 -4.26 -24.93
CA LEU A 219 0.73 -3.82 -24.24
C LEU A 219 1.04 -2.66 -23.29
N ASP A 220 2.09 -2.81 -22.47
CA ASP A 220 2.45 -1.76 -21.53
C ASP A 220 2.74 -0.45 -22.24
N LEU A 221 3.48 -0.50 -23.36
CA LEU A 221 3.84 0.71 -24.08
C LEU A 221 2.61 1.40 -24.65
N VAL A 222 1.66 0.61 -25.14
CA VAL A 222 0.40 1.19 -25.64
C VAL A 222 -0.42 1.74 -24.47
N ALA A 223 -0.55 0.97 -23.38
CA ALA A 223 -1.43 1.37 -22.30
C ALA A 223 -0.94 2.58 -21.53
N LYS A 224 0.35 2.89 -21.63
CA LYS A 224 0.96 3.93 -20.82
C LYS A 224 1.39 5.10 -21.71
N VAL A 225 2.37 4.89 -22.59
CA VAL A 225 2.84 5.99 -23.44
C VAL A 225 1.79 6.35 -24.49
N GLY A 226 1.23 5.35 -25.17
CA GLY A 226 0.21 5.65 -26.16
C GLY A 226 -0.97 6.37 -25.55
N PHE A 227 -1.47 5.82 -24.44
CA PHE A 227 -2.57 6.44 -23.69
C PHE A 227 -2.19 7.84 -23.25
N GLY A 228 -1.04 7.96 -22.58
CA GLY A 228 -0.63 9.26 -22.10
C GLY A 228 -0.48 10.29 -23.20
N PHE A 229 0.05 9.88 -24.35
CA PHE A 229 0.19 10.80 -25.47
C PHE A 229 -1.16 11.36 -25.89
N ILE A 230 -2.14 10.47 -26.06
CA ILE A 230 -3.48 10.89 -26.47
C ILE A 230 -4.12 11.79 -25.43
N LEU A 231 -3.93 11.48 -24.15
CA LEU A 231 -4.50 12.32 -23.09
C LEU A 231 -3.86 13.70 -23.10
N LEU A 232 -2.52 13.76 -23.06
CA LEU A 232 -1.85 15.03 -22.86
C LEU A 232 -1.92 15.94 -24.08
N ARG A 233 -2.25 15.41 -25.25
CA ARG A 233 -2.33 16.21 -26.48
C ARG A 233 -3.73 16.76 -26.71
N SER A 234 -4.67 16.52 -25.81
CA SER A 234 -6.09 16.80 -26.02
C SER A 234 -6.51 18.08 -25.33
N ARG A 235 -7.15 18.96 -26.10
CA ARG A 235 -7.67 20.19 -25.51
C ARG A 235 -8.48 19.92 -24.24
N ALA A 236 -9.06 18.74 -24.12
CA ALA A 236 -9.90 18.36 -22.99
C ALA A 236 -9.25 18.70 -21.65
N ILE A 237 -7.93 18.52 -21.55
CA ILE A 237 -7.26 18.78 -20.28
C ILE A 237 -6.92 20.24 -20.10
N MET A 238 -7.00 21.05 -21.15
CA MET A 238 -6.81 22.51 -20.98
C MET A 238 -8.09 23.26 -20.67
N LEU B 11 24.12 -7.81 20.40
CA LEU B 11 23.54 -6.59 19.85
C LEU B 11 23.76 -6.54 18.34
N GLY B 12 23.12 -7.46 17.64
CA GLY B 12 23.08 -7.43 16.20
C GLY B 12 24.26 -8.15 15.58
N VAL B 13 24.53 -7.77 14.33
CA VAL B 13 25.52 -8.50 13.54
C VAL B 13 26.92 -8.03 13.87
N GLU B 14 27.11 -6.72 13.95
CA GLU B 14 28.43 -6.12 14.19
C GLU B 14 28.31 -4.99 15.19
N GLY B 15 27.48 -5.18 16.23
CA GLY B 15 27.30 -4.22 17.29
C GLY B 15 26.25 -3.15 17.04
N GLU B 16 25.69 -3.06 15.83
CA GLU B 16 24.75 -1.98 15.54
C GLU B 16 23.50 -2.02 16.40
N GLY B 17 23.29 -3.08 17.20
CA GLY B 17 22.09 -3.16 18.01
C GLY B 17 21.93 -1.98 18.97
N ILE B 18 23.04 -1.38 19.38
CA ILE B 18 22.98 -0.25 20.31
C ILE B 18 22.22 0.91 19.68
N TRP B 19 22.49 1.22 18.41
CA TRP B 19 21.77 2.30 17.75
C TRP B 19 20.31 1.93 17.53
N LEU B 20 20.04 0.69 17.14
CA LEU B 20 18.66 0.24 16.99
C LEU B 20 17.91 0.38 18.30
N ALA B 21 18.54 -0.02 19.41
CA ALA B 21 17.91 0.13 20.72
C ALA B 21 17.67 1.59 21.05
N LEU B 22 18.70 2.43 20.88
CA LEU B 22 18.54 3.82 21.24
C LEU B 22 17.59 4.52 20.28
N GLY B 23 17.64 4.12 19.02
CA GLY B 23 16.61 4.55 18.09
C GLY B 23 15.22 4.26 18.62
N THR B 24 14.95 3.00 18.96
CA THR B 24 13.65 2.65 19.52
C THR B 24 13.26 3.62 20.62
N ILE B 25 14.16 3.86 21.56
CA ILE B 25 13.83 4.60 22.77
C ILE B 25 13.57 6.06 22.45
N GLY B 26 14.38 6.66 21.58
CA GLY B 26 14.17 8.06 21.23
C GLY B 26 12.87 8.30 20.48
N MET B 27 12.52 7.40 19.54
CA MET B 27 11.25 7.53 18.84
C MET B 27 10.07 7.41 19.82
N LEU B 28 10.14 6.40 20.68
CA LEU B 28 9.09 6.16 21.67
C LEU B 28 8.99 7.32 22.63
N LEU B 29 10.13 7.85 23.08
CA LEU B 29 10.08 9.04 23.92
C LEU B 29 9.55 10.23 23.13
N GLY B 30 9.93 10.38 21.87
CA GLY B 30 9.34 11.45 21.08
C GLY B 30 7.84 11.28 20.95
N MET B 31 7.40 10.07 20.59
CA MET B 31 5.98 9.77 20.53
C MET B 31 5.26 10.11 21.84
N LEU B 32 5.83 9.65 22.96
CA LEU B 32 5.16 9.85 24.23
C LEU B 32 5.08 11.33 24.59
N TYR B 33 6.16 12.07 24.33
CA TYR B 33 6.12 13.53 24.50
C TYR B 33 5.00 14.15 23.67
N PHE B 34 4.94 13.78 22.38
CA PHE B 34 3.94 14.38 21.52
C PHE B 34 2.53 14.03 22.00
N ILE B 35 2.33 12.81 22.47
CA ILE B 35 1.02 12.44 23.03
C ILE B 35 0.73 13.30 24.25
N ALA B 36 1.70 13.43 25.15
CA ALA B 36 1.48 14.16 26.39
C ALA B 36 1.13 15.62 26.12
N ASP B 37 1.82 16.22 25.15
CA ASP B 37 1.69 17.62 24.82
C ASP B 37 0.40 17.92 24.05
N GLY B 38 -0.23 16.91 23.47
CA GLY B 38 -1.49 17.14 22.77
C GLY B 38 -2.70 16.59 23.49
N LEU B 39 -2.59 16.36 24.80
CA LEU B 39 -3.69 15.73 25.54
C LEU B 39 -4.98 16.54 25.43
N ASP B 40 -4.94 17.83 25.74
CA ASP B 40 -6.16 18.63 25.65
C ASP B 40 -6.24 19.50 24.40
N VAL B 41 -5.78 18.98 23.28
CA VAL B 41 -6.03 19.64 22.00
C VAL B 41 -7.40 19.19 21.51
N GLN B 42 -8.24 20.15 21.10
CA GLN B 42 -9.53 19.76 20.56
C GLN B 42 -9.88 20.35 19.18
N ASP B 43 -9.28 21.46 18.78
CA ASP B 43 -9.51 21.95 17.42
C ASP B 43 -9.11 20.86 16.43
N PRO B 44 -9.99 20.51 15.48
CA PRO B 44 -9.67 19.38 14.57
C PRO B 44 -8.35 19.53 13.84
N ARG B 45 -8.06 20.71 13.31
CA ARG B 45 -6.87 20.88 12.49
C ARG B 45 -5.60 20.71 13.33
N GLN B 46 -5.58 21.29 14.53
CA GLN B 46 -4.42 21.10 15.40
C GLN B 46 -4.25 19.62 15.72
N LYS B 47 -5.35 18.96 16.08
CA LYS B 47 -5.32 17.54 16.39
C LYS B 47 -4.78 16.71 15.23
N GLU B 48 -5.20 17.03 14.01
CA GLU B 48 -4.65 16.37 12.84
C GLU B 48 -3.13 16.36 12.88
N PHE B 49 -2.52 17.53 13.10
CA PHE B 49 -1.06 17.59 13.18
C PHE B 49 -0.53 16.61 14.23
N TYR B 50 -1.13 16.60 15.42
CA TYR B 50 -0.72 15.65 16.46
C TYR B 50 -0.87 14.21 16.01
N VAL B 51 -1.97 13.87 15.34
CA VAL B 51 -2.17 12.47 14.94
C VAL B 51 -1.07 12.05 13.99
N ILE B 52 -0.87 12.82 12.91
CA ILE B 52 0.22 12.56 11.98
C ILE B 52 1.55 12.46 12.73
N THR B 53 1.83 13.47 13.55
CA THR B 53 3.16 13.60 14.16
C THR B 53 3.38 12.64 15.31
N ILE B 54 2.32 12.03 15.83
CA ILE B 54 2.46 10.92 16.77
C ILE B 54 2.64 9.60 16.04
N LEU B 55 1.87 9.39 14.98
CA LEU B 55 2.00 8.15 14.19
C LEU B 55 3.40 7.98 13.63
N ILE B 56 4.06 9.08 13.25
CA ILE B 56 5.37 9.00 12.59
C ILE B 56 6.37 8.30 13.51
N PRO B 57 6.61 8.76 14.74
CA PRO B 57 7.53 8.00 15.60
C PRO B 57 6.93 6.70 16.13
N ALA B 58 5.61 6.58 16.25
CA ALA B 58 5.05 5.26 16.50
C ALA B 58 5.59 4.25 15.48
N ILE B 59 5.43 4.57 14.20
CA ILE B 59 5.87 3.66 13.14
C ILE B 59 7.36 3.36 13.25
N ALA B 60 8.18 4.42 13.30
CA ALA B 60 9.63 4.22 13.32
C ALA B 60 10.08 3.45 14.56
N ALA B 61 9.48 3.76 15.72
CA ALA B 61 9.75 3.00 16.94
C ALA B 61 9.50 1.51 16.73
N ALA B 62 8.36 1.18 16.10
CA ALA B 62 8.05 -0.22 15.83
C ALA B 62 9.08 -0.83 14.88
N SER B 63 9.50 -0.06 13.87
CA SER B 63 10.49 -0.52 12.91
C SER B 63 11.83 -0.77 13.58
N TYR B 64 12.28 0.22 14.37
CA TYR B 64 13.54 0.05 15.10
C TYR B 64 13.47 -1.13 16.03
N LEU B 65 12.34 -1.31 16.72
CA LEU B 65 12.24 -2.46 17.62
C LEU B 65 12.33 -3.75 16.84
N SER B 66 11.58 -3.87 15.73
CA SER B 66 11.69 -5.07 14.91
C SER B 66 13.12 -5.27 14.42
N MET B 67 13.81 -4.17 14.10
CA MET B 67 15.20 -4.31 13.69
C MET B 67 16.06 -4.75 14.85
N PHE B 68 15.85 -4.15 16.03
CA PHE B 68 16.64 -4.56 17.17
C PHE B 68 16.54 -6.06 17.37
N PHE B 69 15.33 -6.61 17.23
CA PHE B 69 15.11 -8.04 17.46
C PHE B 69 15.55 -8.91 16.30
N GLY B 70 16.05 -8.32 15.21
CA GLY B 70 16.54 -9.06 14.09
C GLY B 70 15.52 -9.32 13.00
N PHE B 71 14.30 -8.84 13.16
CA PHE B 71 13.33 -8.95 12.09
C PHE B 71 13.55 -7.83 11.09
N GLY B 72 13.40 -8.15 9.80
CA GLY B 72 13.71 -7.13 8.83
C GLY B 72 15.18 -7.00 8.52
N LEU B 73 15.99 -7.97 8.93
CA LEU B 73 17.39 -8.06 8.56
C LEU B 73 17.54 -9.19 7.56
N THR B 74 18.25 -8.94 6.49
CA THR B 74 18.44 -9.90 5.42
C THR B 74 19.90 -9.82 5.01
N GLU B 75 20.40 -10.93 4.47
CA GLU B 75 21.69 -10.94 3.81
C GLU B 75 21.46 -10.84 2.31
N VAL B 76 22.32 -10.09 1.64
CA VAL B 76 22.27 -9.94 0.20
C VAL B 76 23.66 -10.24 -0.31
N SER B 77 23.78 -11.31 -1.08
CA SER B 77 25.04 -11.67 -1.71
CA SER B 77 25.05 -11.67 -1.71
C SER B 77 25.09 -11.01 -3.08
N LEU B 78 26.01 -10.07 -3.24
CA LEU B 78 26.14 -9.38 -4.51
C LEU B 78 26.88 -10.26 -5.51
N ALA B 79 26.75 -9.89 -6.79
CA ALA B 79 27.44 -10.61 -7.85
C ALA B 79 28.96 -10.55 -7.74
N ASN B 80 29.51 -9.65 -6.93
CA ASN B 80 30.95 -9.57 -6.75
C ASN B 80 31.42 -10.35 -5.52
N GLY B 81 30.55 -11.14 -4.92
CA GLY B 81 30.91 -11.95 -3.77
C GLY B 81 30.83 -11.24 -2.43
N ARG B 82 30.52 -9.95 -2.40
CA ARG B 82 30.37 -9.27 -1.11
C ARG B 82 29.01 -9.58 -0.53
N VAL B 83 28.97 -9.78 0.78
CA VAL B 83 27.73 -10.08 1.48
C VAL B 83 27.38 -8.87 2.33
N VAL B 84 26.22 -8.27 2.03
CA VAL B 84 25.78 -7.04 2.67
C VAL B 84 24.63 -7.39 3.59
N ASP B 85 24.74 -6.94 4.84
CA ASP B 85 23.71 -7.13 5.86
C ASP B 85 22.73 -5.96 5.74
N VAL B 86 21.57 -6.24 5.17
CA VAL B 86 20.61 -5.22 4.79
C VAL B 86 19.48 -5.29 5.80
N TYR B 87 19.21 -4.16 6.44
CA TYR B 87 18.03 -3.97 7.28
C TYR B 87 16.94 -3.41 6.37
N TRP B 88 16.14 -4.29 5.79
CA TRP B 88 15.12 -3.81 4.86
C TRP B 88 13.91 -3.20 5.55
N ALA B 89 13.75 -3.40 6.87
CA ALA B 89 12.59 -2.84 7.57
C ALA B 89 12.57 -1.31 7.55
N ARG B 90 13.74 -0.66 7.46
CA ARG B 90 13.79 0.80 7.26
C ARG B 90 12.88 1.25 6.12
N TYR B 91 12.92 0.51 5.01
CA TYR B 91 12.13 0.89 3.85
C TYR B 91 10.64 0.80 4.14
N ALA B 92 10.23 -0.23 4.90
CA ALA B 92 8.84 -0.30 5.35
C ALA B 92 8.46 0.94 6.14
N ASP B 93 9.28 1.32 7.11
CA ASP B 93 9.10 2.57 7.85
C ASP B 93 8.99 3.76 6.91
N TRP B 94 10.05 3.98 6.12
CA TRP B 94 10.13 5.17 5.27
C TRP B 94 8.99 5.23 4.26
N LEU B 95 8.54 4.06 3.76
CA LEU B 95 7.45 4.07 2.79
C LEU B 95 6.22 4.78 3.35
N PHE B 96 6.03 4.75 4.65
CA PHE B 96 4.86 5.38 5.27
C PHE B 96 5.19 6.65 6.04
N THR B 97 6.32 6.75 6.72
CA THR B 97 6.57 7.98 7.45
C THR B 97 6.98 9.13 6.55
N THR B 98 7.66 8.85 5.42
CA THR B 98 8.06 9.99 4.60
C THR B 98 6.84 10.65 3.93
N PRO B 99 5.82 9.92 3.45
CA PRO B 99 4.61 10.64 2.99
C PRO B 99 3.87 11.34 4.13
N LEU B 100 3.88 10.77 5.34
CA LEU B 100 3.22 11.41 6.47
C LEU B 100 3.95 12.69 6.86
N LEU B 101 5.29 12.64 6.81
CA LEU B 101 6.06 13.85 6.95
C LEU B 101 5.69 14.86 5.87
N LEU B 102 5.52 14.41 4.62
CA LEU B 102 5.17 15.36 3.58
C LEU B 102 3.76 15.89 3.76
N LEU B 103 2.84 15.04 4.23
CA LEU B 103 1.49 15.48 4.52
C LEU B 103 1.50 16.50 5.66
N ASP B 104 2.31 16.24 6.68
CA ASP B 104 2.42 17.13 7.83
C ASP B 104 2.82 18.54 7.41
N ILE B 105 3.90 18.67 6.64
CA ILE B 105 4.32 20.03 6.25
C ILE B 105 3.45 20.60 5.14
N GLY B 106 2.80 19.74 4.34
CA GLY B 106 1.89 20.25 3.32
C GLY B 106 0.63 20.87 3.92
N LEU B 107 0.11 20.25 4.98
CA LEU B 107 -0.98 20.84 5.74
C LEU B 107 -0.58 22.17 6.33
N LEU B 108 0.62 22.25 6.92
CA LEU B 108 1.13 23.51 7.43
C LEU B 108 1.13 24.57 6.35
N ALA B 109 1.71 24.24 5.19
CA ALA B 109 1.84 25.18 4.09
C ALA B 109 0.51 25.49 3.41
N GLY B 110 -0.56 24.78 3.74
CA GLY B 110 -1.82 24.98 3.04
C GLY B 110 -1.74 24.65 1.56
N ALA B 111 -0.99 23.63 1.20
CA ALA B 111 -0.94 23.17 -0.18
C ALA B 111 -2.18 22.35 -0.51
N SER B 112 -2.55 22.35 -1.80
CA SER B 112 -3.66 21.55 -2.29
C SER B 112 -3.39 20.07 -2.10
N GLN B 113 -4.49 19.28 -2.09
CA GLN B 113 -4.32 17.84 -2.07
C GLN B 113 -3.75 17.34 -3.40
N ARG B 114 -3.93 18.08 -4.49
CA ARG B 114 -3.19 17.83 -5.72
C ARG B 114 -1.70 17.80 -5.48
N ASP B 115 -1.17 18.86 -4.85
CA ASP B 115 0.27 19.02 -4.74
C ASP B 115 0.87 18.11 -3.67
N ILE B 116 0.12 17.80 -2.62
CA ILE B 116 0.61 16.84 -1.64
C ILE B 116 0.68 15.44 -2.24
N GLY B 117 -0.41 15.01 -2.90
CA GLY B 117 -0.38 13.75 -3.63
C GLY B 117 0.75 13.70 -4.64
N ALA B 118 1.00 14.80 -5.33
CA ALA B 118 2.10 14.85 -6.28
C ALA B 118 3.43 14.57 -5.58
N LEU B 119 3.68 15.27 -4.48
CA LEU B 119 4.90 15.08 -3.72
C LEU B 119 4.96 13.69 -3.11
N VAL B 120 3.83 13.19 -2.61
CA VAL B 120 3.76 11.84 -2.06
C VAL B 120 4.06 10.79 -3.13
N GLY B 121 3.61 11.04 -4.37
CA GLY B 121 3.94 10.13 -5.45
C GLY B 121 5.42 10.08 -5.75
N ILE B 122 6.07 11.25 -5.83
CA ILE B 122 7.51 11.26 -6.07
C ILE B 122 8.25 10.62 -4.90
N ASP B 123 7.80 10.91 -3.67
CA ASP B 123 8.39 10.30 -2.48
C ASP B 123 8.35 8.79 -2.51
N ALA B 124 7.17 8.21 -2.82
CA ALA B 124 7.04 6.76 -2.85
C ALA B 124 7.99 6.16 -3.88
N PHE B 125 8.01 6.75 -5.08
CA PHE B 125 8.98 6.36 -6.11
C PHE B 125 10.40 6.41 -5.56
N MET B 126 10.72 7.48 -4.83
CA MET B 126 12.06 7.61 -4.24
C MET B 126 12.37 6.41 -3.34
N ILE B 127 11.46 6.08 -2.42
CA ILE B 127 11.71 5.05 -1.42
C ILE B 127 11.80 3.67 -2.08
N VAL B 128 10.86 3.36 -2.98
CA VAL B 128 10.83 2.01 -3.55
C VAL B 128 12.02 1.77 -4.46
N THR B 129 12.41 2.78 -5.26
CA THR B 129 13.63 2.65 -6.05
C THR B 129 14.84 2.51 -5.15
N GLY B 130 14.81 3.14 -3.96
CA GLY B 130 15.86 2.90 -2.99
C GLY B 130 15.86 1.47 -2.48
N LEU B 131 14.66 0.91 -2.26
CA LEU B 131 14.56 -0.48 -1.85
C LEU B 131 15.18 -1.39 -2.91
N VAL B 132 14.93 -1.12 -4.18
CA VAL B 132 15.48 -1.97 -5.24
C VAL B 132 16.99 -1.91 -5.23
N ALA B 133 17.55 -0.69 -5.13
CA ALA B 133 19.00 -0.52 -5.08
C ALA B 133 19.60 -1.29 -3.92
N THR B 134 18.89 -1.32 -2.78
CA THR B 134 19.42 -2.00 -1.60
C THR B 134 19.35 -3.52 -1.72
N LEU B 135 18.34 -4.04 -2.42
CA LEU B 135 18.12 -5.48 -2.48
C LEU B 135 18.71 -6.14 -3.72
N THR B 136 18.93 -5.41 -4.82
CA THR B 136 19.35 -6.08 -6.04
C THR B 136 20.80 -6.58 -5.94
N LYS B 137 21.06 -7.74 -6.55
CA LYS B 137 22.37 -8.40 -6.48
C LYS B 137 23.37 -7.80 -7.46
N VAL B 138 22.90 -7.27 -8.58
CA VAL B 138 23.77 -6.80 -9.67
C VAL B 138 24.40 -5.48 -9.27
N VAL B 139 25.73 -5.43 -9.24
CA VAL B 139 26.43 -4.25 -8.74
C VAL B 139 25.98 -2.98 -9.45
N VAL B 140 26.00 -2.99 -10.79
CA VAL B 140 25.64 -1.77 -11.54
C VAL B 140 24.20 -1.35 -11.27
N ALA B 141 23.29 -2.31 -11.10
CA ALA B 141 21.90 -1.99 -10.80
C ALA B 141 21.75 -1.32 -9.44
N ARG B 142 22.61 -1.67 -8.48
CA ARG B 142 22.55 -1.01 -7.19
C ARG B 142 22.78 0.47 -7.35
N TYR B 143 23.83 0.83 -8.07
CA TYR B 143 24.14 2.23 -8.25
C TYR B 143 23.18 2.89 -9.23
N ALA B 144 22.67 2.13 -10.21
CA ALA B 144 21.65 2.67 -11.09
C ALA B 144 20.42 3.10 -10.30
N PHE B 145 19.91 2.21 -9.44
CA PHE B 145 18.72 2.59 -8.70
C PHE B 145 19.01 3.58 -7.59
N TRP B 146 20.21 3.57 -7.01
CA TRP B 146 20.57 4.68 -6.12
C TRP B 146 20.53 6.02 -6.85
N THR B 147 20.93 6.05 -8.14
CA THR B 147 20.92 7.29 -8.90
C THR B 147 19.49 7.72 -9.28
N ILE B 148 18.64 6.78 -9.72
CA ILE B 148 17.24 7.14 -9.97
C ILE B 148 16.57 7.65 -8.69
N SER B 149 16.84 7.03 -7.56
CA SER B 149 16.19 7.47 -6.32
C SER B 149 16.69 8.84 -5.90
N THR B 150 17.99 9.10 -6.00
CA THR B 150 18.54 10.41 -5.64
C THR B 150 18.05 11.48 -6.59
N ILE B 151 17.92 11.13 -7.88
CA ILE B 151 17.30 12.03 -8.83
C ILE B 151 15.89 12.39 -8.39
N SER B 152 15.09 11.37 -8.01
CA SER B 152 13.76 11.65 -7.53
CA SER B 152 13.76 11.62 -7.51
C SER B 152 13.79 12.50 -6.27
N MET B 153 14.80 12.32 -5.42
CA MET B 153 14.87 13.13 -4.20
C MET B 153 15.19 14.58 -4.51
N VAL B 154 15.93 14.81 -5.58
CA VAL B 154 16.19 16.19 -5.97
C VAL B 154 14.90 16.87 -6.44
N PHE B 155 14.11 16.19 -7.27
CA PHE B 155 12.80 16.74 -7.62
C PHE B 155 12.02 17.06 -6.37
N LEU B 156 11.72 16.01 -5.59
CA LEU B 156 10.93 16.10 -4.37
C LEU B 156 11.29 17.35 -3.60
N LEU B 157 12.59 17.52 -3.34
CA LEU B 157 13.04 18.68 -2.58
C LEU B 157 12.83 19.98 -3.35
N TYR B 158 13.14 19.98 -4.66
CA TYR B 158 12.81 21.17 -5.42
C TYR B 158 11.33 21.50 -5.32
N TYR B 159 10.47 20.49 -5.46
CA TYR B 159 9.03 20.75 -5.44
C TYR B 159 8.54 21.06 -4.04
N LEU B 160 9.15 20.43 -3.02
CA LEU B 160 8.95 20.86 -1.64
C LEU B 160 9.16 22.36 -1.48
N VAL B 161 10.33 22.85 -1.92
CA VAL B 161 10.69 24.26 -1.77
C VAL B 161 9.84 25.12 -2.69
N ALA B 162 9.75 24.73 -3.96
CA ALA B 162 9.06 25.53 -4.96
C ALA B 162 7.55 25.51 -4.73
N VAL B 163 6.94 24.34 -4.65
CA VAL B 163 5.48 24.30 -4.67
C VAL B 163 4.88 24.52 -3.27
N PHE B 164 5.44 23.91 -2.22
CA PHE B 164 4.90 24.21 -0.90
C PHE B 164 5.21 25.62 -0.46
N GLY B 165 6.38 26.13 -0.87
CA GLY B 165 6.73 27.51 -0.57
C GLY B 165 5.75 28.50 -1.14
N GLU B 166 5.30 28.30 -2.39
CA GLU B 166 4.33 29.24 -2.93
C GLU B 166 2.98 29.08 -2.26
N ALA B 167 2.61 27.85 -1.85
CA ALA B 167 1.34 27.72 -1.16
C ALA B 167 1.38 28.39 0.20
N VAL B 168 2.54 28.42 0.85
CA VAL B 168 2.65 29.04 2.18
C VAL B 168 2.94 30.52 2.10
N SER B 169 3.11 31.07 0.88
CA SER B 169 3.44 32.49 0.73
C SER B 169 2.30 33.41 1.17
N ASP B 170 1.05 32.96 1.11
CA ASP B 170 -0.07 33.81 1.50
C ASP B 170 -0.51 33.58 2.94
N ALA B 171 0.24 32.82 3.72
CA ALA B 171 -0.17 32.57 5.10
C ALA B 171 0.44 33.61 6.04
N ASP B 172 -0.03 33.60 7.30
CA ASP B 172 0.47 34.55 8.28
C ASP B 172 1.95 34.28 8.54
N GLU B 173 2.58 35.19 9.29
CA GLU B 173 4.04 35.17 9.31
C GLU B 173 4.57 34.07 10.22
N ASP B 174 3.82 33.66 11.25
CA ASP B 174 4.27 32.52 12.04
C ASP B 174 4.17 31.22 11.25
N THR B 175 3.22 31.11 10.32
CA THR B 175 3.14 29.91 9.52
C THR B 175 4.28 29.83 8.51
N ARG B 176 4.59 30.96 7.86
CA ARG B 176 5.70 30.99 6.93
C ARG B 176 7.01 30.65 7.62
N SER B 177 7.25 31.21 8.81
CA SER B 177 8.51 30.93 9.50
C SER B 177 8.56 29.49 10.01
N THR B 178 7.43 28.97 10.51
CA THR B 178 7.42 27.57 10.90
C THR B 178 7.65 26.66 9.69
N PHE B 179 7.05 27.01 8.55
CA PHE B 179 7.28 26.22 7.35
C PHE B 179 8.73 26.29 6.92
N ASN B 180 9.34 27.47 7.01
CA ASN B 180 10.72 27.61 6.60
C ASN B 180 11.63 26.76 7.46
N ALA B 181 11.39 26.75 8.77
CA ALA B 181 12.19 25.91 9.63
C ALA B 181 12.05 24.45 9.22
N LEU B 182 10.80 23.97 9.12
CA LEU B 182 10.56 22.57 8.83
C LEU B 182 11.16 22.17 7.49
N ARG B 183 10.96 23.00 6.46
CA ARG B 183 11.52 22.73 5.16
C ARG B 183 13.04 22.59 5.23
N ASN B 184 13.70 23.45 6.01
CA ASN B 184 15.15 23.37 6.12
C ASN B 184 15.58 22.08 6.81
N ILE B 185 14.82 21.61 7.82
CA ILE B 185 15.11 20.31 8.41
C ILE B 185 15.01 19.22 7.37
N ILE B 186 13.94 19.24 6.55
CA ILE B 186 13.82 18.22 5.51
C ILE B 186 14.99 18.34 4.55
N LEU B 187 15.23 19.55 4.06
CA LEU B 187 16.30 19.77 3.09
C LEU B 187 17.60 19.19 3.58
N VAL B 188 18.01 19.56 4.80
CA VAL B 188 19.34 19.19 5.25
C VAL B 188 19.39 17.71 5.57
N THR B 189 18.44 17.22 6.36
CA THR B 189 18.57 15.84 6.83
C THR B 189 18.23 14.84 5.73
N TRP B 190 17.19 15.12 4.93
CA TRP B 190 16.80 14.16 3.90
C TRP B 190 17.93 13.97 2.91
N ALA B 191 18.62 15.07 2.58
CA ALA B 191 19.65 15.01 1.54
C ALA B 191 20.83 14.16 1.96
N ILE B 192 20.98 13.87 3.25
CA ILE B 192 22.11 13.07 3.71
C ILE B 192 21.83 11.58 3.69
N TYR B 193 20.56 11.18 3.64
CA TYR B 193 20.25 9.76 3.48
C TYR B 193 20.92 9.12 2.27
N PRO B 194 20.85 9.68 1.06
CA PRO B 194 21.54 9.03 -0.05
C PRO B 194 23.05 8.99 0.15
N VAL B 195 23.60 9.98 0.85
CA VAL B 195 25.03 9.97 1.16
C VAL B 195 25.32 8.84 2.14
N ALA B 196 24.44 8.67 3.12
CA ALA B 196 24.55 7.57 4.07
C ALA B 196 24.56 6.24 3.36
N TRP B 197 23.58 6.01 2.50
CA TRP B 197 23.57 4.76 1.74
C TRP B 197 24.87 4.56 0.96
N LEU B 198 25.35 5.62 0.32
CA LEU B 198 26.51 5.49 -0.58
C LEU B 198 27.79 5.22 0.20
N VAL B 199 27.99 5.85 1.37
CA VAL B 199 29.20 5.60 2.13
C VAL B 199 29.10 4.37 3.02
N GLY B 200 27.89 3.91 3.32
CA GLY B 200 27.73 2.75 4.15
C GLY B 200 27.96 1.44 3.42
N THR B 201 27.56 0.35 4.10
N THR B 201 27.61 0.35 4.12
CA THR B 201 27.86 -1.01 3.66
CA THR B 201 27.86 -0.99 3.63
C THR B 201 27.00 -1.45 2.47
C THR B 201 27.15 -1.23 2.30
N GLU B 202 25.91 -0.74 2.17
CA GLU B 202 25.10 -1.08 1.00
C GLU B 202 25.68 -0.49 -0.29
N GLY B 203 26.60 0.45 -0.18
CA GLY B 203 27.19 1.12 -1.33
C GLY B 203 28.69 1.02 -1.34
N LEU B 204 29.41 2.14 -1.17
CA LEU B 204 30.86 2.06 -1.28
C LEU B 204 31.53 1.41 -0.07
N ALA B 205 30.78 1.11 1.00
CA ALA B 205 31.35 0.43 2.16
C ALA B 205 32.51 1.21 2.77
N LEU B 206 32.52 2.54 2.63
CA LEU B 206 33.57 3.34 3.25
C LEU B 206 33.60 3.11 4.74
N THR B 207 32.44 2.86 5.33
CA THR B 207 32.32 2.49 6.72
C THR B 207 31.43 1.25 6.78
N GLY B 208 31.26 0.70 7.98
CA GLY B 208 30.57 -0.55 8.18
C GLY B 208 29.15 -0.36 8.64
N LEU B 209 28.48 -1.49 8.88
CA LEU B 209 27.07 -1.48 9.26
C LEU B 209 26.85 -0.75 10.57
N TYR B 210 27.76 -0.92 11.53
CA TYR B 210 27.71 -0.18 12.79
C TYR B 210 27.60 1.32 12.54
N GLY B 211 28.53 1.87 11.74
CA GLY B 211 28.52 3.29 11.51
C GLY B 211 27.36 3.73 10.65
N GLU B 212 27.05 2.95 9.62
CA GLU B 212 25.90 3.25 8.79
C GLU B 212 24.61 3.30 9.61
N THR B 213 24.45 2.38 10.56
CA THR B 213 23.27 2.36 11.40
C THR B 213 23.22 3.58 12.31
N LEU B 214 24.37 3.96 12.87
CA LEU B 214 24.47 5.20 13.63
C LEU B 214 24.01 6.39 12.81
N LEU B 215 24.44 6.46 11.55
CA LEU B 215 24.08 7.59 10.72
C LEU B 215 22.56 7.69 10.57
N PHE B 216 21.92 6.57 10.22
CA PHE B 216 20.47 6.56 9.98
C PHE B 216 19.69 6.88 11.26
N MET B 217 20.14 6.35 12.39
CA MET B 217 19.47 6.67 13.65
C MET B 217 19.44 8.16 13.88
N VAL B 218 20.61 8.81 13.77
CA VAL B 218 20.70 10.26 13.95
C VAL B 218 19.75 10.99 13.01
N LEU B 219 19.77 10.62 11.73
CA LEU B 219 18.90 11.28 10.75
C LEU B 219 17.43 11.04 11.05
N ASP B 220 17.04 9.77 11.26
CA ASP B 220 15.65 9.47 11.61
C ASP B 220 15.18 10.33 12.79
N LEU B 221 16.00 10.40 13.85
CA LEU B 221 15.58 11.10 15.07
C LEU B 221 15.39 12.58 14.81
N VAL B 222 16.30 13.19 14.03
CA VAL B 222 16.11 14.58 13.64
C VAL B 222 14.91 14.72 12.71
N ALA B 223 14.84 13.87 11.68
CA ALA B 223 13.83 14.04 10.65
C ALA B 223 12.42 13.80 11.18
N LYS B 224 12.28 13.11 12.33
CA LYS B 224 10.98 12.74 12.90
C LYS B 224 10.71 13.38 14.25
N VAL B 225 11.53 13.11 15.28
CA VAL B 225 11.27 13.69 16.60
C VAL B 225 11.55 15.19 16.59
N GLY B 226 12.74 15.58 16.12
CA GLY B 226 13.06 17.00 16.08
C GLY B 226 12.14 17.77 15.14
N PHE B 227 11.89 17.22 13.95
CA PHE B 227 10.88 17.80 13.07
C PHE B 227 9.55 17.94 13.81
N GLY B 228 9.12 16.87 14.47
CA GLY B 228 7.83 16.91 15.13
C GLY B 228 7.79 17.89 16.29
N PHE B 229 8.91 18.02 17.02
CA PHE B 229 9.01 19.01 18.10
C PHE B 229 8.75 20.42 17.58
N ILE B 230 9.48 20.81 16.53
CA ILE B 230 9.36 22.14 15.93
C ILE B 230 7.94 22.40 15.42
N LEU B 231 7.35 21.40 14.78
CA LEU B 231 6.00 21.56 14.27
C LEU B 231 4.99 21.77 15.40
N LEU B 232 4.98 20.85 16.37
CA LEU B 232 3.94 20.84 17.39
C LEU B 232 4.08 21.99 18.36
N ARG B 233 5.29 22.48 18.56
CA ARG B 233 5.51 23.60 19.47
C ARG B 233 5.09 24.94 18.88
N SER B 234 4.72 25.00 17.59
CA SER B 234 4.58 26.28 16.89
C SER B 234 3.18 26.86 17.07
N ARG B 235 3.10 28.17 17.22
CA ARG B 235 1.79 28.79 17.28
C ARG B 235 1.08 28.74 15.93
N ALA B 236 1.79 28.37 14.86
CA ALA B 236 1.18 28.22 13.54
C ALA B 236 0.19 27.07 13.48
N ILE B 237 0.22 26.16 14.45
CA ILE B 237 -0.66 25.00 14.39
C ILE B 237 -2.00 25.29 15.06
N MET B 238 -2.03 26.24 15.99
CA MET B 238 -3.29 26.76 16.51
C MET B 238 -4.06 27.50 15.41
N LEU C 11 -9.35 -29.82 4.61
CA LEU C 11 -8.04 -30.40 4.33
C LEU C 11 -6.94 -29.33 4.34
N GLY C 12 -5.92 -29.52 5.15
CA GLY C 12 -4.71 -28.72 5.07
C GLY C 12 -3.56 -29.35 5.83
N VAL C 13 -2.88 -28.58 6.68
CA VAL C 13 -1.82 -29.15 7.51
C VAL C 13 -2.41 -30.14 8.51
N GLU C 14 -3.36 -29.66 9.32
CA GLU C 14 -3.94 -30.44 10.40
C GLU C 14 -5.45 -30.56 10.24
N GLY C 15 -5.90 -30.73 9.01
CA GLY C 15 -7.30 -30.77 8.69
C GLY C 15 -8.01 -29.43 8.73
N GLU C 16 -7.31 -28.34 9.08
CA GLU C 16 -7.95 -27.04 9.19
C GLU C 16 -8.47 -26.52 7.86
N GLY C 17 -8.10 -27.16 6.75
CA GLY C 17 -8.59 -26.71 5.46
C GLY C 17 -10.10 -26.71 5.34
N ILE C 18 -10.82 -27.45 6.20
CA ILE C 18 -12.27 -27.43 6.09
C ILE C 18 -12.80 -26.04 6.38
N TRP C 19 -12.22 -25.37 7.39
CA TRP C 19 -12.61 -24.02 7.75
C TRP C 19 -12.23 -23.02 6.66
N LEU C 20 -11.12 -23.25 5.96
CA LEU C 20 -10.76 -22.33 4.87
C LEU C 20 -11.79 -22.40 3.74
N ALA C 21 -12.29 -23.61 3.44
CA ALA C 21 -13.30 -23.75 2.41
C ALA C 21 -14.63 -23.16 2.87
N LEU C 22 -15.07 -23.50 4.07
CA LEU C 22 -16.34 -22.94 4.54
C LEU C 22 -16.26 -21.43 4.64
N GLY C 23 -15.12 -20.92 5.12
CA GLY C 23 -14.90 -19.49 5.10
C GLY C 23 -14.95 -18.91 3.70
N THR C 24 -14.29 -19.58 2.74
CA THR C 24 -14.41 -19.16 1.34
C THR C 24 -15.87 -19.06 0.92
N ILE C 25 -16.62 -20.15 1.10
CA ILE C 25 -18.01 -20.19 0.64
C ILE C 25 -18.86 -19.21 1.41
N GLY C 26 -18.62 -19.09 2.71
CA GLY C 26 -19.38 -18.12 3.50
C GLY C 26 -19.18 -16.69 3.02
N MET C 27 -17.93 -16.30 2.80
CA MET C 27 -17.64 -14.96 2.26
C MET C 27 -18.29 -14.76 0.89
N LEU C 28 -18.06 -15.70 -0.02
CA LEU C 28 -18.62 -15.64 -1.35
C LEU C 28 -20.13 -15.44 -1.31
N LEU C 29 -20.80 -16.22 -0.45
CA LEU C 29 -22.25 -16.14 -0.36
C LEU C 29 -22.71 -14.82 0.27
N GLY C 30 -21.94 -14.30 1.22
CA GLY C 30 -22.22 -12.96 1.74
C GLY C 30 -22.06 -11.90 0.65
N MET C 31 -20.95 -11.95 -0.10
CA MET C 31 -20.80 -10.94 -1.14
C MET C 31 -21.86 -11.10 -2.22
N LEU C 32 -22.28 -12.34 -2.52
CA LEU C 32 -23.34 -12.50 -3.51
C LEU C 32 -24.67 -11.97 -2.99
N TYR C 33 -24.97 -12.20 -1.70
CA TYR C 33 -26.18 -11.62 -1.11
C TYR C 33 -26.15 -10.10 -1.22
N PHE C 34 -25.02 -9.51 -0.83
CA PHE C 34 -24.89 -8.06 -0.83
C PHE C 34 -25.08 -7.51 -2.23
N ILE C 35 -24.46 -8.15 -3.23
CA ILE C 35 -24.64 -7.75 -4.62
C ILE C 35 -26.11 -7.82 -5.00
N ALA C 36 -26.72 -8.99 -4.78
CA ALA C 36 -28.12 -9.15 -5.13
C ALA C 36 -28.96 -8.08 -4.45
N ASP C 37 -28.57 -7.71 -3.23
CA ASP C 37 -29.31 -6.70 -2.47
C ASP C 37 -29.19 -5.33 -3.10
N GLY C 38 -28.06 -5.03 -3.74
CA GLY C 38 -27.83 -3.68 -4.19
C GLY C 38 -27.98 -3.47 -5.68
N LEU C 39 -28.72 -4.35 -6.36
CA LEU C 39 -28.82 -4.25 -7.82
C LEU C 39 -29.54 -2.97 -8.26
N ASP C 40 -30.56 -2.53 -7.50
CA ASP C 40 -31.34 -1.35 -7.87
C ASP C 40 -30.96 -0.10 -7.08
N VAL C 41 -29.82 -0.11 -6.40
CA VAL C 41 -29.40 1.09 -5.68
C VAL C 41 -28.82 2.08 -6.69
N GLN C 42 -29.31 3.31 -6.65
CA GLN C 42 -28.71 4.35 -7.46
C GLN C 42 -28.37 5.62 -6.70
N ASP C 43 -28.85 5.79 -5.46
CA ASP C 43 -28.39 6.89 -4.61
C ASP C 43 -26.90 6.73 -4.35
N PRO C 44 -26.06 7.69 -4.75
CA PRO C 44 -24.59 7.51 -4.62
C PRO C 44 -24.10 7.15 -3.22
N ARG C 45 -24.57 7.85 -2.18
CA ARG C 45 -24.15 7.53 -0.82
C ARG C 45 -24.56 6.11 -0.45
N GLN C 46 -25.79 5.73 -0.78
CA GLN C 46 -26.22 4.35 -0.56
C GLN C 46 -25.34 3.41 -1.36
N LYS C 47 -25.00 3.80 -2.59
CA LYS C 47 -24.22 2.92 -3.46
C LYS C 47 -22.81 2.72 -2.90
N GLU C 48 -22.23 3.77 -2.31
CA GLU C 48 -20.91 3.64 -1.70
C GLU C 48 -20.90 2.57 -0.61
N PHE C 49 -21.93 2.58 0.25
CA PHE C 49 -21.99 1.55 1.28
C PHE C 49 -21.99 0.17 0.68
N TYR C 50 -22.71 -0.03 -0.41
CA TYR C 50 -22.74 -1.32 -1.07
C TYR C 50 -21.36 -1.69 -1.63
N VAL C 51 -20.70 -0.75 -2.30
CA VAL C 51 -19.40 -1.03 -2.91
C VAL C 51 -18.41 -1.52 -1.85
N ILE C 52 -18.20 -0.71 -0.82
CA ILE C 52 -17.28 -1.07 0.25
C ILE C 52 -17.69 -2.42 0.84
N THR C 53 -18.96 -2.58 1.15
CA THR C 53 -19.38 -3.78 1.86
C THR C 53 -19.42 -5.00 0.96
N ILE C 54 -19.33 -4.81 -0.35
CA ILE C 54 -19.14 -5.95 -1.24
C ILE C 54 -17.67 -6.31 -1.38
N LEU C 55 -16.82 -5.28 -1.53
CA LEU C 55 -15.39 -5.52 -1.64
C LEU C 55 -14.84 -6.27 -0.43
N ILE C 56 -15.36 -5.97 0.76
CA ILE C 56 -14.81 -6.58 1.97
C ILE C 56 -14.87 -8.11 1.90
N PRO C 57 -16.04 -8.73 1.75
CA PRO C 57 -16.03 -10.20 1.63
C PRO C 57 -15.45 -10.68 0.33
N ALA C 58 -15.47 -9.88 -0.72
CA ALA C 58 -14.76 -10.29 -1.91
C ALA C 58 -13.29 -10.51 -1.59
N ILE C 59 -12.68 -9.59 -0.82
CA ILE C 59 -11.27 -9.73 -0.46
C ILE C 59 -11.08 -10.92 0.46
N ALA C 60 -11.92 -11.05 1.48
CA ALA C 60 -11.79 -12.18 2.40
C ALA C 60 -11.97 -13.50 1.66
N ALA C 61 -12.91 -13.55 0.71
CA ALA C 61 -13.14 -14.77 -0.05
C ALA C 61 -11.89 -15.16 -0.83
N ALA C 62 -11.27 -14.20 -1.51
CA ALA C 62 -10.09 -14.52 -2.31
C ALA C 62 -8.94 -14.98 -1.43
N SER C 63 -8.77 -14.34 -0.27
CA SER C 63 -7.70 -14.70 0.66
C SER C 63 -7.93 -16.08 1.26
N TYR C 64 -9.16 -16.33 1.72
CA TYR C 64 -9.51 -17.65 2.20
C TYR C 64 -9.28 -18.72 1.14
N LEU C 65 -9.66 -18.43 -0.11
CA LEU C 65 -9.44 -19.42 -1.16
C LEU C 65 -7.95 -19.69 -1.33
N SER C 66 -7.13 -18.63 -1.32
CA SER C 66 -5.70 -18.81 -1.51
C SER C 66 -5.09 -19.63 -0.38
N MET C 67 -5.49 -19.35 0.86
CA MET C 67 -5.10 -20.20 1.97
C MET C 67 -5.58 -21.63 1.78
N PHE C 68 -6.79 -21.83 1.25
CA PHE C 68 -7.25 -23.20 1.06
C PHE C 68 -6.34 -23.96 0.11
N PHE C 69 -5.91 -23.31 -0.96
CA PHE C 69 -4.95 -23.89 -1.88
C PHE C 69 -3.52 -23.80 -1.38
N GLY C 70 -3.31 -23.35 -0.14
CA GLY C 70 -2.00 -23.38 0.45
C GLY C 70 -1.09 -22.23 0.11
N PHE C 71 -1.51 -21.31 -0.75
CA PHE C 71 -0.73 -20.09 -0.91
C PHE C 71 -0.97 -19.18 0.28
N GLY C 72 0.07 -18.44 0.69
CA GLY C 72 -0.09 -17.74 1.94
C GLY C 72 0.01 -18.62 3.17
N LEU C 73 0.24 -19.92 2.98
CA LEU C 73 0.69 -20.77 4.06
C LEU C 73 2.20 -20.78 4.07
N THR C 74 2.78 -20.75 5.27
CA THR C 74 4.22 -20.79 5.40
C THR C 74 4.56 -21.34 6.75
N GLU C 75 5.78 -21.86 6.85
CA GLU C 75 6.37 -22.27 8.12
C GLU C 75 7.25 -21.15 8.64
N VAL C 76 7.18 -20.92 9.94
CA VAL C 76 8.09 -20.03 10.64
C VAL C 76 8.69 -20.82 11.78
N SER C 77 10.00 -21.03 11.73
CA SER C 77 10.70 -21.81 12.73
C SER C 77 11.30 -20.84 13.74
N LEU C 78 10.77 -20.88 14.97
CA LEU C 78 11.12 -19.89 15.98
C LEU C 78 12.53 -20.14 16.54
N ALA C 79 13.00 -19.18 17.34
CA ALA C 79 14.36 -19.28 17.88
C ALA C 79 14.52 -20.43 18.85
N ASN C 80 13.41 -21.00 19.35
CA ASN C 80 13.42 -22.08 20.32
C ASN C 80 13.12 -23.44 19.68
N GLY C 81 13.20 -23.55 18.36
CA GLY C 81 13.02 -24.81 17.68
C GLY C 81 11.59 -25.12 17.29
N ARG C 82 10.61 -24.47 17.89
CA ARG C 82 9.22 -24.66 17.51
C ARG C 82 8.99 -24.19 16.07
N VAL C 83 8.11 -24.88 15.37
CA VAL C 83 7.74 -24.53 14.01
C VAL C 83 6.26 -24.16 14.00
N VAL C 84 5.94 -23.00 13.44
CA VAL C 84 4.58 -22.48 13.42
C VAL C 84 4.12 -22.45 11.98
N ASP C 85 3.03 -23.16 11.70
CA ASP C 85 2.32 -23.11 10.43
C ASP C 85 1.53 -21.80 10.39
N VAL C 86 2.08 -20.82 9.69
CA VAL C 86 1.59 -19.46 9.73
C VAL C 86 0.82 -19.19 8.45
N TYR C 87 -0.49 -18.95 8.58
CA TYR C 87 -1.29 -18.55 7.43
C TYR C 87 -1.14 -17.04 7.31
N TRP C 88 -0.11 -16.60 6.58
CA TRP C 88 0.14 -15.15 6.56
C TRP C 88 -0.80 -14.39 5.65
N ALA C 89 -1.51 -15.07 4.74
CA ALA C 89 -2.41 -14.33 3.85
C ALA C 89 -3.52 -13.63 4.63
N ARG C 90 -3.84 -14.09 5.85
CA ARG C 90 -4.73 -13.36 6.74
C ARG C 90 -4.38 -11.88 6.79
N TYR C 91 -3.09 -11.59 6.96
CA TYR C 91 -2.69 -10.22 7.21
C TYR C 91 -2.84 -9.36 5.96
N ALA C 92 -2.60 -9.94 4.79
CA ALA C 92 -2.93 -9.26 3.55
C ALA C 92 -4.43 -8.95 3.48
N ASP C 93 -5.26 -9.93 3.84
CA ASP C 93 -6.71 -9.70 3.95
C ASP C 93 -7.01 -8.59 4.96
N TRP C 94 -6.43 -8.68 6.16
CA TRP C 94 -6.80 -7.74 7.21
C TRP C 94 -6.25 -6.33 6.94
N LEU C 95 -5.13 -6.22 6.25
CA LEU C 95 -4.54 -4.91 6.00
C LEU C 95 -5.48 -4.02 5.19
N PHE C 96 -6.34 -4.61 4.36
CA PHE C 96 -7.28 -3.88 3.52
C PHE C 96 -8.72 -3.91 4.01
N THR C 97 -9.19 -5.03 4.56
CA THR C 97 -10.60 -5.07 4.93
C THR C 97 -10.88 -4.37 6.25
N THR C 98 -9.90 -4.30 7.16
CA THR C 98 -10.15 -3.63 8.43
C THR C 98 -10.26 -2.12 8.19
N PRO C 99 -9.41 -1.49 7.34
CA PRO C 99 -9.68 -0.08 6.98
C PRO C 99 -10.99 0.11 6.22
N LEU C 100 -11.35 -0.79 5.31
CA LEU C 100 -12.64 -0.66 4.62
C LEU C 100 -13.80 -0.76 5.60
N LEU C 101 -13.72 -1.69 6.55
CA LEU C 101 -14.74 -1.76 7.58
C LEU C 101 -14.79 -0.45 8.35
N LEU C 102 -13.64 0.15 8.66
CA LEU C 102 -13.64 1.41 9.39
C LEU C 102 -14.28 2.52 8.57
N LEU C 103 -13.93 2.57 7.29
CA LEU C 103 -14.56 3.53 6.38
C LEU C 103 -16.06 3.34 6.36
N ASP C 104 -16.51 2.09 6.23
CA ASP C 104 -17.94 1.79 6.19
C ASP C 104 -18.67 2.46 7.37
N ILE C 105 -18.25 2.12 8.61
CA ILE C 105 -18.98 2.62 9.78
C ILE C 105 -18.67 4.08 10.01
N GLY C 106 -17.47 4.53 9.63
CA GLY C 106 -17.16 5.95 9.69
C GLY C 106 -17.97 6.76 8.70
N LEU C 107 -18.22 6.21 7.51
CA LEU C 107 -19.18 6.85 6.63
C LEU C 107 -20.57 6.83 7.25
N LEU C 108 -20.95 5.70 7.87
CA LEU C 108 -22.26 5.64 8.50
C LEU C 108 -22.37 6.71 9.58
N ALA C 109 -21.33 6.84 10.41
CA ALA C 109 -21.33 7.78 11.52
C ALA C 109 -21.22 9.23 11.08
N GLY C 110 -21.05 9.48 9.78
CA GLY C 110 -20.75 10.85 9.36
C GLY C 110 -19.49 11.42 9.97
N ALA C 111 -18.49 10.60 10.22
CA ALA C 111 -17.24 11.12 10.77
C ALA C 111 -16.44 11.85 9.69
N SER C 112 -15.62 12.79 10.13
CA SER C 112 -14.80 13.57 9.22
C SER C 112 -13.75 12.69 8.56
N GLN C 113 -13.24 13.17 7.42
CA GLN C 113 -12.16 12.43 6.77
C GLN C 113 -10.91 12.41 7.64
N ARG C 114 -10.71 13.47 8.45
CA ARG C 114 -9.62 13.47 9.42
C ARG C 114 -9.80 12.35 10.44
N ASP C 115 -11.01 12.22 10.98
CA ASP C 115 -11.25 11.17 11.96
C ASP C 115 -11.08 9.78 11.35
N ILE C 116 -11.59 9.57 10.13
CA ILE C 116 -11.47 8.24 9.55
C ILE C 116 -10.01 7.91 9.27
N GLY C 117 -9.31 8.84 8.61
CA GLY C 117 -7.91 8.60 8.30
C GLY C 117 -7.11 8.28 9.54
N ALA C 118 -7.45 8.93 10.66
CA ALA C 118 -6.76 8.67 11.92
C ALA C 118 -6.98 7.25 12.39
N LEU C 119 -8.24 6.80 12.40
CA LEU C 119 -8.53 5.45 12.81
C LEU C 119 -7.87 4.45 11.90
N VAL C 120 -7.88 4.75 10.59
CA VAL C 120 -7.28 3.85 9.61
C VAL C 120 -5.76 3.76 9.80
N GLY C 121 -5.13 4.89 10.17
CA GLY C 121 -3.70 4.86 10.43
C GLY C 121 -3.40 3.97 11.63
N ILE C 122 -4.17 4.11 12.69
CA ILE C 122 -4.00 3.24 13.84
C ILE C 122 -4.30 1.79 13.46
N ASP C 123 -5.35 1.56 12.66
CA ASP C 123 -5.66 0.19 12.28
C ASP C 123 -4.53 -0.42 11.50
N ALA C 124 -3.97 0.34 10.55
CA ALA C 124 -2.88 -0.18 9.74
C ALA C 124 -1.69 -0.57 10.61
N PHE C 125 -1.37 0.25 11.60
CA PHE C 125 -0.30 -0.06 12.55
C PHE C 125 -0.59 -1.34 13.32
N MET C 126 -1.85 -1.50 13.76
CA MET C 126 -2.25 -2.72 14.44
C MET C 126 -1.95 -3.97 13.61
N ILE C 127 -2.36 -3.97 12.33
CA ILE C 127 -2.20 -5.17 11.49
C ILE C 127 -0.73 -5.44 11.21
N VAL C 128 0.05 -4.41 10.87
CA VAL C 128 1.46 -4.63 10.51
C VAL C 128 2.27 -5.13 11.71
N THR C 129 2.06 -4.56 12.90
CA THR C 129 2.76 -5.07 14.07
C THR C 129 2.26 -6.47 14.43
N GLY C 130 0.98 -6.75 14.20
CA GLY C 130 0.51 -8.13 14.24
C GLY C 130 1.28 -9.05 13.31
N LEU C 131 1.52 -8.61 12.07
CA LEU C 131 2.28 -9.42 11.13
C LEU C 131 3.70 -9.65 11.61
N VAL C 132 4.34 -8.61 12.16
CA VAL C 132 5.67 -8.77 12.71
C VAL C 132 5.65 -9.80 13.83
N ALA C 133 4.68 -9.67 14.76
CA ALA C 133 4.54 -10.63 15.84
C ALA C 133 4.42 -12.04 15.30
N THR C 134 3.70 -12.21 14.18
CA THR C 134 3.43 -13.54 13.66
C THR C 134 4.63 -14.14 12.92
N LEU C 135 5.44 -13.30 12.27
CA LEU C 135 6.56 -13.75 11.43
C LEU C 135 7.89 -13.76 12.14
N THR C 136 8.06 -13.01 13.24
CA THR C 136 9.38 -12.90 13.84
C THR C 136 9.70 -14.19 14.58
N LYS C 137 11.00 -14.51 14.59
CA LYS C 137 11.51 -15.77 15.12
C LYS C 137 11.89 -15.68 16.59
N VAL C 138 12.13 -14.48 17.09
CA VAL C 138 12.54 -14.30 18.48
C VAL C 138 11.28 -14.37 19.35
N VAL C 139 11.24 -15.32 20.27
CA VAL C 139 10.03 -15.54 21.05
C VAL C 139 9.62 -14.26 21.77
N VAL C 140 10.56 -13.65 22.48
CA VAL C 140 10.25 -12.39 23.17
C VAL C 140 9.64 -11.38 22.21
N ALA C 141 10.15 -11.32 20.97
CA ALA C 141 9.64 -10.34 20.01
C ALA C 141 8.19 -10.62 19.62
N ARG C 142 7.84 -11.88 19.40
CA ARG C 142 6.47 -12.22 19.04
C ARG C 142 5.50 -11.62 20.05
N TYR C 143 5.81 -11.78 21.35
CA TYR C 143 4.94 -11.28 22.39
C TYR C 143 5.05 -9.78 22.59
N ALA C 144 6.21 -9.21 22.32
CA ALA C 144 6.36 -7.75 22.42
C ALA C 144 5.50 -7.08 21.36
N PHE C 145 5.57 -7.57 20.12
CA PHE C 145 4.75 -7.01 19.06
C PHE C 145 3.29 -7.43 19.16
N TRP C 146 2.96 -8.57 19.76
CA TRP C 146 1.55 -8.84 20.04
C TRP C 146 1.00 -7.81 21.00
N THR C 147 1.78 -7.50 22.04
CA THR C 147 1.41 -6.49 23.03
C THR C 147 1.26 -5.12 22.38
N ILE C 148 2.26 -4.72 21.59
CA ILE C 148 2.17 -3.47 20.83
C ILE C 148 0.90 -3.45 20.00
N SER C 149 0.64 -4.51 19.25
N SER C 149 0.64 -4.52 19.25
CA SER C 149 -0.54 -4.55 18.38
CA SER C 149 -0.54 -4.53 18.39
C SER C 149 -1.81 -4.44 19.19
C SER C 149 -1.82 -4.43 19.20
N THR C 150 -1.90 -5.19 20.30
CA THR C 150 -3.09 -5.18 21.13
C THR C 150 -3.31 -3.81 21.77
N ILE C 151 -2.23 -3.12 22.13
CA ILE C 151 -2.37 -1.76 22.66
C ILE C 151 -2.97 -0.85 21.61
N SER C 152 -2.47 -0.94 20.38
CA SER C 152 -3.04 -0.14 19.31
CA SER C 152 -3.03 -0.15 19.30
C SER C 152 -4.51 -0.47 19.11
N MET C 153 -4.89 -1.74 19.25
CA MET C 153 -6.31 -2.08 19.10
C MET C 153 -7.14 -1.41 20.19
N VAL C 154 -6.60 -1.30 21.41
CA VAL C 154 -7.34 -0.67 22.49
C VAL C 154 -7.60 0.79 22.17
N PHE C 155 -6.57 1.50 21.70
CA PHE C 155 -6.76 2.85 21.19
C PHE C 155 -7.82 2.87 20.09
N LEU C 156 -7.62 2.07 19.04
CA LEU C 156 -8.57 2.04 17.92
C LEU C 156 -10.00 1.91 18.43
N LEU C 157 -10.25 0.89 19.23
CA LEU C 157 -11.61 0.64 19.70
C LEU C 157 -12.11 1.80 20.54
N TYR C 158 -11.22 2.36 21.36
CA TYR C 158 -11.60 3.51 22.17
C TYR C 158 -11.94 4.71 21.29
N TYR C 159 -11.07 5.00 20.32
CA TYR C 159 -11.33 6.15 19.45
C TYR C 159 -12.54 5.90 18.56
N LEU C 160 -12.77 4.65 18.17
CA LEU C 160 -14.02 4.32 17.49
C LEU C 160 -15.22 4.71 18.35
N VAL C 161 -15.23 4.28 19.62
CA VAL C 161 -16.37 4.57 20.51
C VAL C 161 -16.50 6.07 20.72
N ALA C 162 -15.38 6.74 21.05
CA ALA C 162 -15.44 8.14 21.41
C ALA C 162 -15.64 9.02 20.17
N VAL C 163 -14.77 8.85 19.17
CA VAL C 163 -14.75 9.84 18.09
C VAL C 163 -15.81 9.55 17.03
N PHE C 164 -16.06 8.29 16.69
CA PHE C 164 -17.18 8.02 15.79
C PHE C 164 -18.50 8.18 16.51
N GLY C 165 -18.58 7.71 17.76
CA GLY C 165 -19.78 7.95 18.56
C GLY C 165 -20.15 9.42 18.66
N GLU C 166 -19.15 10.28 18.84
CA GLU C 166 -19.42 11.72 18.90
C GLU C 166 -19.94 12.24 17.56
N ALA C 167 -19.41 11.73 16.46
CA ALA C 167 -19.82 12.22 15.15
C ALA C 167 -21.24 11.77 14.81
N VAL C 168 -21.62 10.57 15.27
CA VAL C 168 -22.97 10.09 14.99
C VAL C 168 -24.00 10.71 15.93
N SER C 169 -23.55 11.38 16.99
CA SER C 169 -24.45 11.90 18.01
C SER C 169 -25.45 12.90 17.44
N ASP C 170 -25.17 13.52 16.30
CA ASP C 170 -26.09 14.47 15.69
C ASP C 170 -26.98 13.85 14.61
N ALA C 171 -26.88 12.55 14.37
CA ALA C 171 -27.63 11.93 13.29
C ALA C 171 -29.01 11.47 13.78
N ASP C 172 -29.81 10.94 12.85
CA ASP C 172 -31.17 10.58 13.24
C ASP C 172 -31.15 9.31 14.08
N GLU C 173 -32.33 8.93 14.55
CA GLU C 173 -32.46 7.84 15.50
C GLU C 173 -32.00 6.52 14.91
N ASP C 174 -32.33 6.26 13.64
CA ASP C 174 -31.94 5.00 13.01
C ASP C 174 -30.46 4.95 12.70
N THR C 175 -29.84 6.09 12.41
CA THR C 175 -28.41 6.07 12.13
C THR C 175 -27.62 5.76 13.40
N ARG C 176 -27.88 6.49 14.48
CA ARG C 176 -27.23 6.18 15.76
C ARG C 176 -27.46 4.73 16.16
N SER C 177 -28.70 4.26 16.04
CA SER C 177 -29.02 2.89 16.41
C SER C 177 -28.25 1.88 15.54
N THR C 178 -28.21 2.12 14.23
CA THR C 178 -27.41 1.26 13.39
C THR C 178 -25.93 1.35 13.74
N PHE C 179 -25.46 2.57 13.99
CA PHE C 179 -24.06 2.71 14.36
C PHE C 179 -23.74 1.92 15.63
N ASN C 180 -24.62 2.00 16.65
CA ASN C 180 -24.39 1.30 17.91
C ASN C 180 -24.25 -0.19 17.71
N ALA C 181 -25.12 -0.77 16.88
CA ALA C 181 -25.06 -2.20 16.63
C ALA C 181 -23.77 -2.57 15.91
N LEU C 182 -23.41 -1.79 14.88
CA LEU C 182 -22.16 -2.06 14.18
C LEU C 182 -20.97 -1.89 15.11
N ARG C 183 -20.97 -0.81 15.89
CA ARG C 183 -19.91 -0.57 16.86
C ARG C 183 -19.75 -1.76 17.79
N ASN C 184 -20.87 -2.33 18.25
CA ASN C 184 -20.79 -3.41 19.22
C ASN C 184 -20.31 -4.69 18.55
N ILE C 185 -20.66 -4.87 17.28
CA ILE C 185 -20.12 -6.01 16.56
C ILE C 185 -18.60 -5.86 16.47
N ILE C 186 -18.15 -4.67 16.12
CA ILE C 186 -16.71 -4.45 16.08
C ILE C 186 -16.10 -4.70 17.46
N LEU C 187 -16.64 -4.06 18.50
CA LEU C 187 -16.03 -4.13 19.83
C LEU C 187 -15.88 -5.57 20.32
N VAL C 188 -16.91 -6.41 20.14
CA VAL C 188 -16.78 -7.75 20.72
C VAL C 188 -15.99 -8.66 19.80
N THR C 189 -16.22 -8.59 18.49
CA THR C 189 -15.55 -9.52 17.60
C THR C 189 -14.07 -9.16 17.41
N TRP C 190 -13.76 -7.87 17.19
CA TRP C 190 -12.37 -7.49 16.96
C TRP C 190 -11.51 -7.84 18.16
N ALA C 191 -12.01 -7.58 19.37
CA ALA C 191 -11.24 -7.84 20.60
C ALA C 191 -10.90 -9.32 20.78
N ILE C 192 -11.57 -10.23 20.09
CA ILE C 192 -11.26 -11.65 20.27
C ILE C 192 -10.10 -12.12 19.39
N TYR C 193 -9.75 -11.37 18.34
CA TYR C 193 -8.60 -11.72 17.52
C TYR C 193 -7.28 -11.83 18.31
N PRO C 194 -6.86 -10.84 19.09
CA PRO C 194 -5.64 -11.04 19.88
C PRO C 194 -5.75 -12.24 20.81
N VAL C 195 -6.96 -12.54 21.29
CA VAL C 195 -7.11 -13.72 22.14
C VAL C 195 -6.86 -14.96 21.34
N ALA C 196 -7.45 -15.01 20.13
CA ALA C 196 -7.22 -16.10 19.20
C ALA C 196 -5.75 -16.28 18.89
N TRP C 197 -5.04 -15.17 18.60
CA TRP C 197 -3.61 -15.29 18.34
C TRP C 197 -2.89 -15.86 19.57
N LEU C 198 -3.26 -15.35 20.74
CA LEU C 198 -2.55 -15.72 21.96
C LEU C 198 -2.73 -17.20 22.30
N VAL C 199 -3.93 -17.73 22.08
CA VAL C 199 -4.21 -19.10 22.46
C VAL C 199 -3.90 -20.08 21.34
N GLY C 200 -3.88 -19.63 20.10
CA GLY C 200 -3.59 -20.48 18.97
C GLY C 200 -2.12 -20.79 18.81
N THR C 201 -1.81 -21.40 17.66
N THR C 201 -1.81 -21.43 17.67
CA THR C 201 -0.47 -21.88 17.41
CA THR C 201 -0.44 -21.86 17.40
C THR C 201 0.55 -20.74 17.28
C THR C 201 0.54 -20.70 17.44
N GLU C 202 0.11 -19.50 17.06
CA GLU C 202 1.03 -18.37 17.02
C GLU C 202 1.52 -17.98 18.40
N GLY C 203 0.69 -18.21 19.42
CA GLY C 203 1.03 -17.80 20.76
C GLY C 203 1.34 -18.99 21.64
N LEU C 204 0.53 -19.14 22.70
CA LEU C 204 0.77 -20.17 23.70
C LEU C 204 0.41 -21.54 23.22
N ALA C 205 -0.34 -21.65 22.12
CA ALA C 205 -0.67 -22.93 21.51
C ALA C 205 -1.51 -23.80 22.46
N LEU C 206 -2.39 -23.17 23.23
CA LEU C 206 -3.35 -23.96 24.00
C LEU C 206 -4.20 -24.83 23.08
N THR C 207 -4.51 -24.32 21.90
CA THR C 207 -5.13 -25.13 20.88
C THR C 207 -4.20 -25.17 19.69
N GLY C 208 -4.55 -25.99 18.69
CA GLY C 208 -3.76 -26.15 17.50
C GLY C 208 -4.31 -25.35 16.32
N LEU C 209 -3.70 -25.58 15.17
CA LEU C 209 -4.05 -24.86 13.96
C LEU C 209 -5.52 -25.10 13.58
N TYR C 210 -6.01 -26.33 13.77
CA TYR C 210 -7.41 -26.62 13.53
C TYR C 210 -8.33 -25.67 14.30
N GLY C 211 -8.22 -25.67 15.63
CA GLY C 211 -9.06 -24.80 16.43
C GLY C 211 -8.79 -23.34 16.20
N GLU C 212 -7.52 -22.98 16.01
CA GLU C 212 -7.20 -21.59 15.67
C GLU C 212 -7.89 -21.16 14.38
N THR C 213 -7.89 -22.04 13.36
CA THR C 213 -8.45 -21.63 12.08
C THR C 213 -9.96 -21.56 12.13
N LEU C 214 -10.59 -22.44 12.91
CA LEU C 214 -12.03 -22.36 13.14
C LEU C 214 -12.41 -21.02 13.79
N LEU C 215 -11.63 -20.59 14.77
CA LEU C 215 -11.99 -19.36 15.49
C LEU C 215 -11.88 -18.14 14.57
N PHE C 216 -10.78 -18.04 13.82
CA PHE C 216 -10.64 -16.94 12.88
C PHE C 216 -11.74 -16.98 11.82
N MET C 217 -12.13 -18.18 11.39
CA MET C 217 -13.22 -18.29 10.43
C MET C 217 -14.51 -17.67 10.99
N VAL C 218 -14.88 -18.04 12.22
CA VAL C 218 -16.12 -17.52 12.81
C VAL C 218 -16.04 -16.02 12.95
N LEU C 219 -14.89 -15.51 13.41
CA LEU C 219 -14.72 -14.08 13.62
C LEU C 219 -14.82 -13.31 12.30
N ASP C 220 -14.10 -13.79 11.29
CA ASP C 220 -14.11 -13.11 9.99
C ASP C 220 -15.52 -13.04 9.45
N LEU C 221 -16.25 -14.18 9.50
CA LEU C 221 -17.60 -14.22 8.95
C LEU C 221 -18.53 -13.28 9.69
N VAL C 222 -18.41 -13.22 11.02
CA VAL C 222 -19.25 -12.27 11.76
C VAL C 222 -18.80 -10.84 11.48
N ALA C 223 -17.48 -10.60 11.51
CA ALA C 223 -16.96 -9.26 11.31
C ALA C 223 -17.17 -8.75 9.91
N LYS C 224 -17.39 -9.62 8.93
CA LYS C 224 -17.55 -9.20 7.54
C LYS C 224 -18.97 -9.46 7.03
N VAL C 225 -19.42 -10.70 7.02
CA VAL C 225 -20.76 -10.96 6.50
C VAL C 225 -21.81 -10.46 7.48
N GLY C 226 -21.66 -10.80 8.77
CA GLY C 226 -22.62 -10.35 9.75
C GLY C 226 -22.70 -8.83 9.83
N PHE C 227 -21.55 -8.18 9.97
CA PHE C 227 -21.47 -6.72 9.90
C PHE C 227 -22.11 -6.20 8.62
N GLY C 228 -21.67 -6.72 7.47
CA GLY C 228 -22.26 -6.31 6.21
C GLY C 228 -23.78 -6.42 6.18
N PHE C 229 -24.31 -7.51 6.73
CA PHE C 229 -25.76 -7.70 6.73
C PHE C 229 -26.45 -6.60 7.51
N ILE C 230 -25.96 -6.31 8.72
CA ILE C 230 -26.61 -5.33 9.57
C ILE C 230 -26.54 -3.95 8.95
N LEU C 231 -25.39 -3.61 8.37
CA LEU C 231 -25.24 -2.30 7.73
C LEU C 231 -26.17 -2.17 6.54
N LEU C 232 -26.13 -3.14 5.62
CA LEU C 232 -26.85 -2.97 4.37
C LEU C 232 -28.36 -3.07 4.55
N ARG C 233 -28.84 -3.71 5.61
CA ARG C 233 -30.27 -3.82 5.80
C ARG C 233 -30.88 -2.61 6.50
N SER C 234 -30.06 -1.63 6.88
CA SER C 234 -30.52 -0.57 7.76
C SER C 234 -31.13 0.57 6.96
N ARG C 235 -32.22 1.13 7.49
CA ARG C 235 -32.78 2.35 6.90
C ARG C 235 -31.76 3.47 6.86
N ALA C 236 -30.78 3.47 7.77
CA ALA C 236 -29.85 4.58 7.88
C ALA C 236 -29.17 4.86 6.55
N ILE C 237 -28.79 3.82 5.82
CA ILE C 237 -28.03 4.05 4.60
C ILE C 237 -28.89 4.54 3.45
N MET C 238 -30.22 4.45 3.55
CA MET C 238 -31.11 4.92 2.50
C MET C 238 -30.90 6.40 2.20
C18 OLC D . 9.30 -3.32 -9.38
C10 OLC D . 6.55 3.96 -7.07
C9 OLC D . 5.80 5.00 -6.69
C17 OLC D . 10.07 -2.54 -8.29
C11 OLC D . 5.92 2.55 -7.18
C8 OLC D . 4.31 4.80 -6.33
C24 OLC D . -2.37 15.30 -8.49
C16 OLC D . 10.32 -1.10 -8.76
C12 OLC D . 7.04 1.51 -7.38
C7 OLC D . 3.48 5.95 -6.92
C15 OLC D . 9.00 -0.31 -8.72
C13 OLC D . 7.99 1.98 -8.50
C6 OLC D . 2.17 6.10 -6.13
C14 OLC D . 9.29 1.17 -8.44
C5 OLC D . 1.37 7.31 -6.68
C4 OLC D . 0.39 7.79 -5.59
C3 OLC D . -0.60 8.79 -6.22
C2 OLC D . 0.15 10.07 -6.64
C21 OLC D . -1.02 13.18 -8.72
C1 OLC D . -0.82 11.00 -7.41
C22 OLC D . -2.12 13.88 -7.90
O19 OLC D . -1.99 10.68 -7.57
O25 OLC D . -1.18 16.09 -8.53
O23 OLC D . -3.34 13.16 -7.99
O20 OLC D . -0.29 12.23 -7.93
C1 OLB E . -19.30 -2.82 -7.40
C2 OLB E . -17.86 -3.07 -6.91
C3 OLB E . -17.69 -4.56 -6.55
C4 OLB E . -16.21 -4.84 -6.26
C5 OLB E . -16.03 -6.34 -5.95
O19 OLB E . -19.65 -1.72 -7.81
O20 OLB E . -20.21 -3.93 -7.39
C21 OLB E . -21.43 -3.89 -8.14
C22 OLB E . -21.96 -5.33 -8.26
O23 OLB E . -22.69 -5.69 -7.08
C24 OLB E . -22.91 -5.42 -9.48
O25 OLB E . -23.98 -4.49 -9.42
C6 OLB E . -14.53 -6.66 -5.82
C7 OLB E . -14.08 -7.50 -7.03
C8 OLB E . -14.46 -8.97 -6.80
C9 OLB E . -15.66 -9.34 -7.69
C10 OLB E . -16.08 -10.61 -7.76
C11 OLB E . -15.37 -11.69 -6.92
C12 OLB E . -15.53 -13.07 -7.59
C13 OLB E . -14.72 -14.12 -6.82
C14 OLB E . -14.69 -13.75 -5.32
C15 OLB E . -14.75 -15.03 -4.48
C16 OLB E . -13.47 -15.85 -4.71
C17 OLB E . -13.50 -17.12 -3.83
C18 OLB E . -14.64 -18.04 -4.29
C18 OLC F . -4.11 0.40 -4.70
C10 OLC F . -5.93 6.93 -7.44
C9 OLC F . -7.11 7.29 -6.91
C17 OLC F . -3.02 1.45 -4.39
C11 OLC F . -4.68 6.86 -6.56
C8 OLC F . -7.20 7.62 -5.41
C24 OLC F . -12.76 15.65 -5.58
C16 OLC F . -3.08 2.57 -5.44
C12 OLC F . -3.91 5.56 -6.84
C7 OLC F . -8.60 8.21 -5.11
C15 OLC F . -1.80 3.44 -5.35
C13 OLC F . -2.48 5.67 -6.30
C6 OLC F . -8.49 9.72 -4.89
C14 OLC F . -1.71 4.35 -6.58
C5 OLC F . -8.01 10.40 -6.21
C4 OLC F . -8.15 11.92 -6.08
C3 OLC F . -8.52 12.51 -7.45
C2 OLC F . -9.19 13.88 -7.26
C21 OLC F . -12.77 15.19 -8.05
C1 OLC F . -10.58 13.87 -7.91
C22 OLC F . -13.48 14.91 -6.71
O19 OLC F . -10.98 12.85 -8.47
O25 OLC F . -13.18 15.19 -4.30
O23 OLC F . -14.86 15.28 -6.76
O20 OLC F . -11.35 15.09 -7.85
C1 RET G . -3.37 -10.55 -15.28
C2 RET G . -3.41 -12.07 -15.08
C3 RET G . -4.67 -12.49 -14.32
C4 RET G . -5.87 -12.12 -15.19
C5 RET G . -5.88 -10.62 -15.40
C6 RET G . -4.74 -9.94 -15.64
C7 RET G . -4.87 -8.56 -16.08
C8 RET G . -3.89 -7.63 -16.04
C9 RET G . -4.08 -6.29 -16.53
C10 RET G . -3.01 -5.44 -16.50
C11 RET G . -2.95 -4.14 -16.91
C12 RET G . -1.71 -3.60 -16.97
C13 RET G . -1.44 -2.23 -17.34
C14 RET G . -0.24 -1.71 -16.99
C15 RET G . 0.20 -0.37 -17.29
C16 RET G . -2.92 -9.91 -13.97
C17 RET G . -2.32 -10.33 -16.36
C18 RET G . -7.24 -9.99 -15.57
C19 RET G . -5.44 -5.93 -17.09
C20 RET G . -2.45 -1.38 -18.09
C18 OLC H . 1.22 4.75 -2.84
C10 OLC H . 0.40 9.07 4.11
C9 OLC H . 0.21 10.15 3.34
C17 OLC H . 2.60 4.67 -2.14
C11 OLC H . -0.50 7.83 3.93
C8 OLC H . -0.91 10.18 2.30
C24 OLC H . -6.41 19.27 1.07
C16 OLC H . 2.39 4.51 -0.62
C12 OLC H . 0.36 6.63 3.46
C7 OLC H . -1.61 11.55 2.33
C15 OLC H . 1.85 5.83 -0.03
C13 OLC H . 0.85 6.89 2.02
C6 OLC H . -2.93 11.47 1.52
C14 OLC H . 1.44 5.59 1.45
C5 OLC H . -2.61 11.55 0.03
C4 OLC H . -2.52 13.02 -0.40
C3 OLC H . -3.72 13.80 0.17
C2 OLC H . -3.21 14.95 1.06
C21 OLC H . -5.69 17.46 2.67
C1 OLC H . -4.40 15.56 1.84
C22 OLC H . -5.88 18.98 2.49
O19 OLC H . -5.06 14.81 2.56
O25 OLC H . -6.72 20.66 0.92
O23 OLC H . -6.84 19.47 3.43
O20 OLC H . -4.70 16.96 1.76
C18 OLC I . 24.39 16.28 0.13
C10 OLC I . 18.42 19.39 -4.60
C9 OLC I . 17.51 20.31 -4.97
C17 OLC I . 23.64 16.87 -1.08
C11 OLC I . 18.48 18.92 -3.13
C8 OLC I . 16.53 20.88 -3.93
C24 OLC I . 9.95 29.40 -3.30
C16 OLC I . 22.83 15.76 -1.77
C12 OLC I . 19.76 19.46 -2.47
C7 OLC I . 16.81 22.38 -3.73
C15 OLC I . 22.02 16.35 -2.94
C13 OLC I . 20.97 18.64 -2.94
C6 OLC I . 16.12 23.19 -4.86
C14 OLC I . 20.87 17.20 -2.37
C5 OLC I . 16.57 24.66 -4.77
C4 OLC I . 15.78 25.50 -5.79
C3 OLC I . 14.36 25.77 -5.24
C2 OLC I . 14.18 27.27 -5.01
C21 OLC I . 11.89 28.81 -4.79
C1 OLC I . 13.57 27.92 -6.26
C22 OLC I . 10.40 29.15 -4.76
O19 OLC I . 14.15 27.84 -7.33
O25 OLC I . 8.53 29.52 -3.19
O23 OLC I . 10.17 30.32 -5.56
O20 OLC I . 12.33 28.62 -6.13
C1 OLB J . -2.30 7.72 17.96
C2 OLB J . -1.29 7.59 16.80
C3 OLB J . -1.24 6.12 16.34
C4 OLB J . -0.06 5.40 17.02
C5 OLB J . -0.61 4.43 18.09
O19 OLB J . -2.83 6.72 18.43
O20 OLB J . -2.66 9.01 18.47
C21 OLB J . -3.82 9.06 19.30
C22 OLB J . -3.77 10.27 20.26
O23 OLB J . -2.70 10.09 21.20
C24 OLB J . -3.54 11.56 19.46
O25 OLB J . -3.46 12.69 20.33
C6 OLB J . 0.56 3.59 18.65
C7 OLB J . 0.02 2.67 19.76
C8 OLB J . 1.13 1.69 20.19
C9 OLB J . 2.01 2.34 21.27
C10 OLB J . 3.27 2.70 20.99
C11 OLB J . 3.83 2.48 19.57
C12 OLB J . 5.32 2.86 19.54
C13 OLB J . 6.05 2.17 20.71
C14 OLB J . 6.01 0.65 20.50
C15 OLB J . 7.24 0.20 19.68
C16 OLB J . 8.52 0.43 20.51
C17 OLB J . 8.44 -0.38 21.81
C18 OLB J . 9.76 -0.23 22.59
C1 RET K . 17.80 6.12 0.03
C2 RET K . 18.80 5.44 -0.88
C3 RET K . 18.49 5.78 -2.33
C4 RET K . 18.88 7.25 -2.51
C5 RET K . 18.04 8.07 -1.57
C6 RET K . 17.46 7.54 -0.46
C7 RET K . 16.62 8.45 0.27
C8 RET K . 16.21 8.30 1.55
C9 RET K . 15.39 9.29 2.21
C10 RET K . 14.84 8.92 3.39
C11 RET K . 14.07 9.68 4.20
C12 RET K . 13.99 9.12 5.42
C13 RET K . 13.24 9.67 6.54
C14 RET K . 12.81 8.82 7.50
C15 RET K . 12.05 9.28 8.64
C16 RET K . 16.53 5.27 0.06
C17 RET K . 18.47 6.14 1.41
C18 RET K . 17.63 9.45 -2.03
C19 RET K . 15.21 10.66 1.60
C20 RET K . 12.98 11.16 6.59
C18 OLC L . 0.59 -0.69 5.40
C10 OLC L . -7.72 0.64 1.82
C9 OLC L . -8.97 1.07 1.59
C17 OLC L . -0.85 -0.28 5.05
C11 OLC L . -6.96 1.11 3.07
C8 OLC L . -9.65 2.02 2.61
C24 OLC L . -16.65 12.38 3.33
C16 OLC L . -0.95 1.26 5.02
C12 OLC L . -5.50 0.64 2.99
C7 OLC L . -9.37 3.48 2.21
C15 OLC L . -2.43 1.68 5.08
C13 OLC L . -4.73 1.16 4.21
C6 OLC L . -9.98 4.43 3.28
C14 OLC L . -3.23 0.90 4.02
C5 OLC L . -9.80 5.88 2.82
C4 OLC L . -10.49 6.81 3.84
C3 OLC L . -10.45 8.27 3.32
C2 OLC L . -11.27 9.18 4.26
C21 OLC L . -14.74 10.74 3.56
C1 OLC L . -12.62 9.50 3.61
C22 OLC L . -15.31 12.10 4.03
O19 OLC L . -12.95 8.94 2.56
O25 OLC L . -17.66 11.45 3.73
O23 OLC L . -15.53 12.09 5.44
O20 OLC L . -13.50 10.46 4.21
C18 OLC M . 3.78 0.03 8.93
C10 OLC M . -2.69 5.94 6.73
C9 OLC M . -3.49 6.99 7.00
C17 OLC M . 2.87 0.95 9.75
C11 OLC M . -1.44 5.68 7.59
C8 OLC M . -3.14 7.95 8.15
C24 OLC M . -8.21 12.24 16.04
C16 OLC M . 1.88 1.67 8.81
C12 OLC M . -0.42 4.86 6.78
C7 OLC M . -3.22 9.41 7.63
C15 OLC M . 1.00 2.64 9.63
C13 OLC M . 0.63 4.27 7.74
C6 OLC M . -2.93 10.38 8.80
C14 OLC M . -0.05 3.28 8.71
C5 OLC M . -4.24 10.71 9.53
C4 OLC M . -4.88 11.95 8.89
C3 OLC M . -6.07 12.43 9.75
C2 OLC M . -5.64 12.50 11.23
C21 OLC M . -8.21 13.59 13.92
C1 OLC M . -6.69 13.27 12.05
C22 OLC M . -9.09 12.83 14.93
O19 OLC M . -7.00 14.41 11.70
O25 OLC M . -7.47 11.09 15.61
O23 OLC M . -9.98 13.77 15.53
O20 OLC M . -7.31 12.72 13.21
C1 OLB N . -14.02 3.08 -1.66
C2 OLB N . -13.03 2.10 -1.01
C3 OLB N . -11.92 1.74 -2.01
C4 OLB N . -10.81 0.96 -1.29
C5 OLB N . -9.84 0.36 -2.33
O19 OLB N . -14.71 2.78 -2.63
O20 OLB N . -14.13 4.36 -1.03
C21 OLB N . -14.92 5.43 -1.55
C22 OLB N . -14.60 6.70 -0.73
O23 OLB N . -13.18 6.92 -0.73
C24 OLB N . -15.29 7.91 -1.38
O25 OLB N . -15.07 9.11 -0.62
C6 OLB N . -9.11 -0.85 -1.70
C7 OLB N . -8.08 -1.40 -2.70
C8 OLB N . -7.49 -2.72 -2.16
C9 OLB N . -8.46 -3.88 -2.46
C10 OLB N . -7.99 -5.12 -2.67
C11 OLB N . -6.47 -5.38 -2.62
C12 OLB N . -6.19 -6.56 -1.67
C13 OLB N . -6.59 -7.88 -2.37
C14 OLB N . -6.09 -9.06 -1.54
C15 OLB N . -6.63 -10.38 -2.14
C16 OLB N . -6.22 -11.57 -1.25
C17 OLB N . -4.72 -11.85 -1.42
C18 OLB N . -4.31 -13.04 -0.54
C1 RET O . -3.76 -9.60 15.68
C2 RET O . -2.60 -10.19 16.48
C3 RET O . -1.87 -9.14 17.31
C4 RET O . -2.85 -8.51 18.29
C5 RET O . -3.98 -7.89 17.51
C6 RET O . -4.52 -8.52 16.43
C7 RET O . -5.88 -8.16 16.04
C8 RET O . -6.33 -8.14 14.76
C9 RET O . -7.69 -7.81 14.36
C10 RET O . -8.16 -8.39 13.23
C11 RET O . -9.41 -8.16 12.75
C12 RET O . -9.67 -8.60 11.50
C13 RET O . -10.94 -8.44 10.84
C14 RET O . -11.04 -8.81 9.55
C15 RET O . -12.29 -8.68 8.81
C16 RET O . -3.21 -9.09 14.34
C17 RET O . -4.68 -10.79 15.41
C18 RET O . -4.66 -6.69 18.15
C19 RET O . -8.51 -6.85 15.18
C20 RET O . -12.15 -7.90 11.57
#